data_1YXB
#
_entry.id   1YXB
#
_cell.length_a   44.904
_cell.length_b   62.361
_cell.length_c   76.620
_cell.angle_alpha   79.21
_cell.angle_beta   82.13
_cell.angle_gamma   75.42
#
_symmetry.space_group_name_H-M   'P 1'
#
loop_
_entity.id
_entity.type
_entity.pdbx_description
1 polymer 'Phosphoribosyl-ATP pyrophosphatase'
2 water water
#
_entity_poly.entity_id   1
_entity_poly.type   'polypeptide(L)'
_entity_poly.pdbx_seq_one_letter_code
;(MSE)SKKTFEELFTELQHKAANGDPATSRTAELVDKGVHAIGKKVVEEAAEVW(MSE)AAEYEGKDAAAEEISQLLYHV
QV(MSE)(MSE)VARGISLDDVYAHLLEHHHHHH
;
_entity_poly.pdbx_strand_id   A,B,C,D,E,F,G,H
#
# COMPACT_ATOMS: atom_id res chain seq x y z
N LYS A 4 34.25 28.34 -8.46
CA LYS A 4 33.00 29.08 -8.77
C LYS A 4 32.04 28.20 -9.57
N THR A 5 32.52 27.07 -10.08
CA THR A 5 31.67 26.14 -10.86
C THR A 5 30.92 25.18 -9.95
N PHE A 6 29.78 24.71 -10.44
CA PHE A 6 28.92 23.76 -9.72
C PHE A 6 29.76 22.55 -9.34
N GLU A 7 30.56 22.10 -10.29
CA GLU A 7 31.44 20.93 -10.12
C GLU A 7 32.52 21.11 -9.08
N GLU A 8 33.01 22.33 -8.92
CA GLU A 8 34.05 22.57 -7.93
C GLU A 8 33.54 22.61 -6.53
N LEU A 9 32.40 23.29 -6.35
CA LEU A 9 31.77 23.39 -5.04
C LEU A 9 31.32 22.03 -4.55
N PHE A 10 30.93 21.16 -5.47
CA PHE A 10 30.49 19.81 -5.13
C PHE A 10 31.62 18.95 -4.57
N THR A 11 32.80 19.06 -5.19
CA THR A 11 33.98 18.30 -4.77
C THR A 11 34.43 18.79 -3.40
N GLU A 12 34.18 20.07 -3.12
CA GLU A 12 34.52 20.67 -1.82
C GLU A 12 33.69 20.01 -0.73
N LEU A 13 32.41 19.78 -1.03
CA LEU A 13 31.47 19.15 -0.09
C LEU A 13 31.76 17.69 0.14
N GLN A 14 32.26 16.99 -0.88
CA GLN A 14 32.58 15.58 -0.74
C GLN A 14 33.70 15.37 0.28
N HIS A 15 34.63 16.32 0.32
CA HIS A 15 35.75 16.25 1.26
C HIS A 15 35.31 16.57 2.69
N LYS A 16 34.46 17.58 2.85
CA LYS A 16 33.96 17.97 4.17
C LYS A 16 33.09 16.89 4.77
N ALA A 17 32.66 15.94 3.94
CA ALA A 17 31.81 14.84 4.39
C ALA A 17 32.65 13.61 4.78
N ALA A 18 33.96 13.69 4.57
CA ALA A 18 34.88 12.59 4.90
C ALA A 18 34.98 12.38 6.41
N ASN A 19 34.50 13.36 7.17
CA ASN A 19 34.51 13.31 8.62
C ASN A 19 33.13 13.62 9.17
N THR A 24 33.20 16.90 12.13
CA THR A 24 31.77 17.10 11.92
C THR A 24 31.36 18.50 12.31
N SER A 25 31.46 18.79 13.59
CA SER A 25 31.05 20.08 14.16
C SER A 25 31.53 21.44 13.60
N ARG A 26 31.91 21.52 12.33
CA ARG A 26 32.27 22.82 11.76
C ARG A 26 31.14 23.23 10.83
N THR A 27 31.23 22.83 9.55
CA THR A 27 30.23 23.16 8.54
C THR A 27 29.12 22.11 8.48
N ALA A 28 27.89 22.54 8.17
CA ALA A 28 26.70 21.69 8.10
C ALA A 28 26.93 20.22 7.77
N GLU A 29 26.81 19.38 8.81
CA GLU A 29 27.00 17.93 8.66
C GLU A 29 25.70 17.12 8.72
N LEU A 30 24.92 17.23 7.62
CA LEU A 30 23.58 16.64 7.42
C LEU A 30 23.81 15.15 7.19
N VAL A 31 24.91 14.92 6.47
CA VAL A 31 25.26 13.60 6.07
C VAL A 31 25.18 12.64 7.23
N ASP A 32 25.54 13.14 8.41
CA ASP A 32 25.52 12.31 9.61
C ASP A 32 24.08 12.03 10.04
N LYS A 33 23.24 13.06 10.01
CA LYS A 33 21.84 12.93 10.37
C LYS A 33 21.08 12.03 9.41
N GLY A 34 21.51 12.02 8.15
CA GLY A 34 20.88 11.15 7.17
C GLY A 34 19.91 11.75 6.18
N VAL A 35 19.40 10.87 5.32
CA VAL A 35 18.47 11.23 4.27
C VAL A 35 17.21 11.95 4.76
N HIS A 36 16.62 11.47 5.83
CA HIS A 36 15.41 12.09 6.34
C HIS A 36 15.60 13.57 6.65
N ALA A 37 16.69 13.92 7.31
CA ALA A 37 16.93 15.31 7.66
C ALA A 37 17.20 16.20 6.44
N ILE A 38 17.91 15.63 5.47
CA ILE A 38 18.26 16.36 4.26
C ILE A 38 17.02 16.50 3.40
N GLY A 39 16.18 15.48 3.40
CA GLY A 39 14.94 15.50 2.65
C GLY A 39 13.99 16.59 3.12
N LYS A 40 13.92 16.81 4.42
CA LYS A 40 13.05 17.84 4.97
C LYS A 40 13.49 19.18 4.38
N LYS A 41 14.80 19.40 4.33
CA LYS A 41 15.35 20.63 3.81
C LYS A 41 15.09 20.81 2.33
N VAL A 42 15.20 19.74 1.57
CA VAL A 42 15.01 19.81 0.14
C VAL A 42 13.60 20.20 -0.18
N VAL A 43 12.68 19.60 0.55
CA VAL A 43 11.27 19.80 0.40
C VAL A 43 10.84 21.18 0.88
N GLU A 44 11.44 21.68 1.96
CA GLU A 44 11.05 22.99 2.43
C GLU A 44 11.67 24.05 1.52
N GLU A 45 12.89 23.84 1.05
CA GLU A 45 13.53 24.81 0.17
C GLU A 45 12.86 24.94 -1.20
N ALA A 46 12.30 23.84 -1.71
CA ALA A 46 11.62 23.85 -3.00
C ALA A 46 10.39 24.77 -2.89
N ALA A 47 9.68 24.70 -1.76
CA ALA A 47 8.52 25.53 -1.53
C ALA A 47 8.93 26.97 -1.36
N GLU A 48 10.12 27.19 -0.81
CA GLU A 48 10.61 28.54 -0.61
C GLU A 48 11.02 29.11 -1.96
N VAL A 49 11.58 28.25 -2.81
CA VAL A 49 11.98 28.65 -4.17
C VAL A 49 10.74 29.12 -4.95
N TRP A 50 9.68 28.33 -4.89
CA TRP A 50 8.45 28.67 -5.56
C TRP A 50 7.92 29.99 -5.02
N ALA A 52 9.41 32.53 -3.32
CA ALA A 52 10.23 33.68 -3.71
C ALA A 52 10.09 33.99 -5.20
N ALA A 53 10.00 32.96 -6.03
CA ALA A 53 9.85 33.13 -7.46
C ALA A 53 8.56 33.87 -7.81
N GLU A 54 7.53 33.66 -7.00
CA GLU A 54 6.23 34.27 -7.23
C GLU A 54 6.05 35.62 -6.58
N TYR A 55 6.51 35.79 -5.34
CA TYR A 55 6.34 37.04 -4.59
C TYR A 55 7.53 37.98 -4.35
N GLU A 56 8.74 37.47 -4.48
CA GLU A 56 9.91 38.29 -4.22
C GLU A 56 10.69 38.72 -5.44
N GLY A 57 11.78 39.43 -5.20
CA GLY A 57 12.63 39.90 -6.28
C GLY A 57 13.59 38.83 -6.76
N LYS A 58 14.29 39.12 -7.86
CA LYS A 58 15.21 38.17 -8.44
C LYS A 58 16.30 37.70 -7.48
N ASP A 59 16.86 38.63 -6.71
CA ASP A 59 17.91 38.28 -5.77
C ASP A 59 17.45 37.32 -4.68
N ALA A 60 16.29 37.60 -4.10
CA ALA A 60 15.70 36.74 -3.08
C ALA A 60 15.43 35.34 -3.65
N ALA A 61 15.02 35.26 -4.91
CA ALA A 61 14.75 33.98 -5.54
C ALA A 61 16.06 33.23 -5.75
N ALA A 62 17.12 33.96 -6.14
CA ALA A 62 18.43 33.37 -6.36
C ALA A 62 18.99 32.80 -5.06
N GLU A 63 18.82 33.54 -3.96
CA GLU A 63 19.30 33.08 -2.66
C GLU A 63 18.58 31.78 -2.25
N GLU A 64 17.27 31.71 -2.47
CA GLU A 64 16.53 30.50 -2.13
C GLU A 64 16.92 29.35 -3.04
N ILE A 65 17.23 29.65 -4.30
CA ILE A 65 17.63 28.62 -5.23
C ILE A 65 18.97 28.04 -4.84
N SER A 66 19.87 28.90 -4.36
CA SER A 66 21.20 28.46 -3.93
C SER A 66 21.08 27.51 -2.76
N GLN A 67 20.17 27.82 -1.85
CA GLN A 67 19.95 26.95 -0.70
C GLN A 67 19.43 25.59 -1.15
N LEU A 68 18.56 25.57 -2.16
CA LEU A 68 18.01 24.32 -2.67
C LEU A 68 19.07 23.48 -3.35
N LEU A 69 19.95 24.13 -4.09
CA LEU A 69 21.02 23.42 -4.78
C LEU A 69 21.99 22.85 -3.78
N TYR A 70 22.29 23.64 -2.75
CA TYR A 70 23.20 23.19 -1.71
C TYR A 70 22.71 21.89 -1.07
N HIS A 71 21.43 21.86 -0.70
CA HIS A 71 20.87 20.67 -0.08
C HIS A 71 20.71 19.51 -1.05
N VAL A 72 20.49 19.80 -2.33
CA VAL A 72 20.38 18.72 -3.32
C VAL A 72 21.76 18.07 -3.40
N GLN A 73 22.81 18.91 -3.41
CA GLN A 73 24.20 18.45 -3.46
C GLN A 73 24.55 17.62 -2.23
N VAL A 74 24.11 18.07 -1.06
CA VAL A 74 24.37 17.35 0.17
C VAL A 74 23.71 15.98 0.05
N VAL A 77 25.81 13.73 -1.90
CA VAL A 77 26.94 13.28 -1.10
C VAL A 77 26.50 12.17 -0.15
N ALA A 78 25.36 12.35 0.49
CA ALA A 78 24.84 11.37 1.45
C ALA A 78 24.50 10.01 0.84
N ARG A 79 24.17 10.00 -0.44
CA ARG A 79 23.79 8.78 -1.15
C ARG A 79 24.87 8.26 -2.08
N GLY A 80 26.02 8.93 -2.10
CA GLY A 80 27.11 8.50 -2.96
C GLY A 80 26.88 8.71 -4.44
N ILE A 81 26.04 9.69 -4.77
CA ILE A 81 25.74 10.01 -6.17
C ILE A 81 26.75 11.03 -6.67
N SER A 82 27.23 10.84 -7.89
CA SER A 82 28.21 11.76 -8.46
C SER A 82 27.59 12.67 -9.50
N LEU A 83 28.32 13.75 -9.84
CA LEU A 83 27.86 14.71 -10.84
C LEU A 83 27.69 14.05 -12.21
N ASP A 84 28.54 13.07 -12.50
CA ASP A 84 28.48 12.36 -13.76
C ASP A 84 27.18 11.55 -13.83
N ASP A 85 26.82 10.96 -12.70
CA ASP A 85 25.59 10.16 -12.61
C ASP A 85 24.38 11.02 -12.95
N VAL A 86 24.34 12.21 -12.38
CA VAL A 86 23.25 13.16 -12.60
C VAL A 86 23.31 13.76 -13.99
N TYR A 87 24.49 14.22 -14.39
CA TYR A 87 24.67 14.83 -15.71
C TYR A 87 24.28 13.90 -16.85
N ALA A 88 24.55 12.61 -16.67
CA ALA A 88 24.20 11.59 -17.68
C ALA A 88 22.69 11.61 -17.94
N HIS A 89 21.90 11.91 -16.90
CA HIS A 89 20.45 11.98 -16.99
C HIS A 89 19.94 13.34 -17.48
N LEU A 90 20.69 14.41 -17.24
CA LEU A 90 20.29 15.75 -17.68
C LEU A 90 20.20 15.87 -19.22
N LEU A 91 20.44 14.75 -19.90
CA LEU A 91 20.40 14.70 -21.36
C LEU A 91 19.18 13.85 -21.79
N LYS B 4 28.68 19.33 -20.96
CA LYS B 4 28.46 18.36 -19.84
C LYS B 4 28.43 19.08 -18.48
N THR B 5 28.85 20.35 -18.47
CA THR B 5 28.87 21.16 -17.25
C THR B 5 27.50 21.80 -16.97
N PHE B 6 27.22 22.03 -15.69
CA PHE B 6 25.97 22.65 -15.25
C PHE B 6 25.80 23.98 -16.00
N GLU B 7 26.91 24.72 -16.11
CA GLU B 7 26.93 26.02 -16.76
C GLU B 7 26.65 25.99 -18.26
N GLU B 8 27.05 24.91 -18.92
CA GLU B 8 26.85 24.73 -20.36
C GLU B 8 25.39 24.41 -20.69
N LEU B 9 24.81 23.49 -19.94
CA LEU B 9 23.42 23.09 -20.13
C LEU B 9 22.45 24.25 -19.84
N PHE B 10 22.84 25.12 -18.92
CA PHE B 10 22.01 26.27 -18.55
C PHE B 10 21.93 27.28 -19.68
N THR B 11 23.08 27.54 -20.32
CA THR B 11 23.13 28.49 -21.42
C THR B 11 22.33 27.95 -22.61
N GLU B 12 22.27 26.62 -22.74
CA GLU B 12 21.51 25.96 -23.81
C GLU B 12 20.04 26.26 -23.59
N LEU B 13 19.60 26.20 -22.32
CA LEU B 13 18.21 26.46 -21.95
C LEU B 13 17.80 27.92 -22.14
N GLN B 14 18.72 28.84 -21.91
CA GLN B 14 18.45 30.27 -22.06
C GLN B 14 18.13 30.60 -23.52
N HIS B 15 18.77 29.89 -24.45
CA HIS B 15 18.56 30.09 -25.89
C HIS B 15 17.22 29.51 -26.34
N LYS B 16 16.88 28.32 -25.84
CA LYS B 16 15.62 27.68 -26.20
C LYS B 16 14.41 28.45 -25.66
N ALA B 17 14.68 29.37 -24.73
CA ALA B 17 13.64 30.19 -24.13
C ALA B 17 13.45 31.50 -24.87
N ALA B 18 14.30 31.76 -25.87
CA ALA B 18 14.23 32.99 -26.66
C ALA B 18 12.97 33.03 -27.52
N ASN B 19 12.33 31.87 -27.67
CA ASN B 19 11.10 31.72 -28.45
C ASN B 19 10.00 31.03 -27.64
N THR B 24 8.37 27.51 -29.70
CA THR B 24 7.85 27.01 -28.42
C THR B 24 7.65 25.51 -28.48
N SER B 25 6.68 25.09 -29.29
CA SER B 25 6.30 23.69 -29.41
C SER B 25 7.31 22.56 -29.67
N ARG B 26 8.59 22.73 -29.32
CA ARG B 26 9.55 21.64 -29.48
C ARG B 26 9.86 21.10 -28.10
N THR B 27 10.87 21.66 -27.44
CA THR B 27 11.29 21.23 -26.10
C THR B 27 10.53 22.00 -25.02
N ALA B 28 10.27 21.33 -23.87
CA ALA B 28 9.55 21.90 -22.72
C ALA B 28 9.60 23.42 -22.56
N GLU B 29 8.49 24.07 -22.92
CA GLU B 29 8.35 25.51 -22.82
C GLU B 29 7.43 25.92 -21.69
N LEU B 30 7.93 25.70 -20.47
CA LEU B 30 7.24 26.03 -19.23
C LEU B 30 7.37 27.52 -18.98
N VAL B 31 8.41 28.14 -19.54
CA VAL B 31 8.65 29.57 -19.37
C VAL B 31 7.43 30.35 -19.83
N ASP B 32 6.73 29.82 -20.84
CA ASP B 32 5.54 30.47 -21.37
C ASP B 32 4.40 30.35 -20.37
N LYS B 33 4.22 29.16 -19.79
CA LYS B 33 3.16 28.94 -18.80
C LYS B 33 3.40 29.77 -17.54
N GLY B 34 4.65 30.05 -17.23
CA GLY B 34 4.94 30.88 -16.08
C GLY B 34 5.42 30.19 -14.82
N VAL B 35 5.68 31.02 -13.81
CA VAL B 35 6.18 30.62 -12.51
C VAL B 35 5.33 29.56 -11.81
N HIS B 36 4.02 29.79 -11.76
CA HIS B 36 3.13 28.84 -11.11
C HIS B 36 3.29 27.41 -11.63
N ALA B 37 3.35 27.24 -12.95
CA ALA B 37 3.51 25.91 -13.53
C ALA B 37 4.86 25.25 -13.23
N ILE B 38 5.92 26.06 -13.23
CA ILE B 38 7.26 25.57 -12.95
C ILE B 38 7.38 25.25 -11.46
N GLY B 39 6.75 26.09 -10.64
CA GLY B 39 6.75 25.90 -9.20
C GLY B 39 6.13 24.57 -8.79
N LYS B 40 5.06 24.17 -9.49
CA LYS B 40 4.39 22.90 -9.21
C LYS B 40 5.41 21.78 -9.43
N LYS B 41 6.14 21.88 -10.53
CA LYS B 41 7.14 20.87 -10.86
C LYS B 41 8.29 20.82 -9.87
N VAL B 42 8.80 21.97 -9.43
CA VAL B 42 9.90 22.01 -8.48
C VAL B 42 9.51 21.34 -7.16
N VAL B 43 8.33 21.67 -6.70
CA VAL B 43 7.76 21.18 -5.47
C VAL B 43 7.44 19.68 -5.55
N GLU B 44 7.00 19.20 -6.72
CA GLU B 44 6.71 17.79 -6.87
C GLU B 44 7.99 16.95 -7.00
N GLU B 45 8.98 17.47 -7.72
CA GLU B 45 10.24 16.80 -7.90
C GLU B 45 11.04 16.73 -6.60
N ALA B 46 10.94 17.77 -5.76
CA ALA B 46 11.64 17.80 -4.48
C ALA B 46 11.18 16.62 -3.63
N ALA B 47 9.87 16.37 -3.62
CA ALA B 47 9.29 15.27 -2.89
C ALA B 47 9.73 13.94 -3.51
N GLU B 48 9.84 13.88 -4.83
CA GLU B 48 10.26 12.66 -5.54
C GLU B 48 11.72 12.38 -5.22
N VAL B 49 12.53 13.41 -5.13
CA VAL B 49 13.92 13.28 -4.79
C VAL B 49 14.03 12.67 -3.38
N TRP B 50 13.28 13.22 -2.43
CA TRP B 50 13.30 12.72 -1.06
C TRP B 50 12.87 11.26 -1.07
N ALA B 52 12.90 8.95 -3.55
CA ALA B 52 13.88 8.06 -4.16
C ALA B 52 15.11 7.89 -3.27
N ALA B 53 15.54 8.98 -2.66
CA ALA B 53 16.68 8.96 -1.77
C ALA B 53 16.48 7.98 -0.61
N GLU B 54 15.23 7.86 -0.17
CA GLU B 54 14.87 6.99 0.94
C GLU B 54 14.60 5.55 0.57
N TYR B 55 13.81 5.32 -0.47
CA TYR B 55 13.42 3.98 -0.88
C TYR B 55 14.03 3.35 -2.14
N GLU B 56 14.62 4.17 -3.00
CA GLU B 56 15.16 3.63 -4.23
C GLU B 56 16.67 3.57 -4.29
N GLY B 57 17.17 3.02 -5.40
CA GLY B 57 18.61 2.94 -5.60
C GLY B 57 19.23 4.26 -6.01
N LYS B 58 20.56 4.29 -6.02
CA LYS B 58 21.32 5.48 -6.36
C LYS B 58 20.99 6.06 -7.73
N ASP B 59 20.82 5.19 -8.72
CA ASP B 59 20.51 5.64 -10.06
C ASP B 59 19.14 6.30 -10.13
N ALA B 60 18.15 5.69 -9.47
CA ALA B 60 16.81 6.24 -9.43
C ALA B 60 16.81 7.62 -8.78
N ALA B 61 17.60 7.76 -7.71
CA ALA B 61 17.71 9.03 -7.01
C ALA B 61 18.42 10.08 -7.87
N ALA B 62 19.39 9.65 -8.66
CA ALA B 62 20.12 10.53 -9.56
C ALA B 62 19.18 11.06 -10.66
N GLU B 63 18.33 10.18 -11.19
CA GLU B 63 17.38 10.58 -12.22
C GLU B 63 16.41 11.65 -11.69
N GLU B 64 15.88 11.43 -10.49
CA GLU B 64 14.96 12.39 -9.89
C GLU B 64 15.64 13.71 -9.59
N ILE B 65 16.89 13.65 -9.16
CA ILE B 65 17.67 14.84 -8.88
C ILE B 65 17.91 15.64 -10.16
N SER B 66 18.12 14.95 -11.26
CA SER B 66 18.35 15.64 -12.54
C SER B 66 17.09 16.38 -12.99
N GLN B 67 15.94 15.79 -12.73
CA GLN B 67 14.67 16.41 -13.06
C GLN B 67 14.45 17.66 -12.20
N LEU B 68 14.87 17.60 -10.95
CA LEU B 68 14.71 18.73 -10.06
C LEU B 68 15.60 19.87 -10.50
N LEU B 69 16.87 19.56 -10.78
CA LEU B 69 17.81 20.57 -11.23
C LEU B 69 17.33 21.22 -12.51
N TYR B 70 16.84 20.42 -13.46
CA TYR B 70 16.32 20.93 -14.70
C TYR B 70 15.24 21.97 -14.45
N HIS B 71 14.25 21.62 -13.62
CA HIS B 71 13.17 22.57 -13.32
C HIS B 71 13.63 23.78 -12.53
N VAL B 72 14.67 23.64 -11.72
CA VAL B 72 15.20 24.77 -10.96
C VAL B 72 15.82 25.69 -11.99
N GLN B 73 16.58 25.14 -12.94
CA GLN B 73 17.19 25.92 -14.03
C GLN B 73 16.13 26.62 -14.86
N VAL B 74 15.03 25.95 -15.17
CA VAL B 74 13.96 26.56 -15.95
C VAL B 74 13.40 27.76 -15.16
N VAL B 77 15.63 30.66 -15.60
CA VAL B 77 15.42 31.25 -16.90
C VAL B 77 14.16 32.10 -16.89
N ALA B 78 13.08 31.57 -16.33
CA ALA B 78 11.80 32.26 -16.26
C ALA B 78 11.81 33.55 -15.47
N ARG B 79 12.72 33.66 -14.53
CA ARG B 79 12.85 34.83 -13.67
C ARG B 79 14.03 35.73 -14.00
N GLY B 80 14.78 35.36 -15.03
CA GLY B 80 15.93 36.15 -15.44
C GLY B 80 17.10 36.07 -14.48
N ILE B 81 17.18 34.98 -13.71
CA ILE B 81 18.27 34.77 -12.76
C ILE B 81 19.42 34.05 -13.46
N SER B 82 20.64 34.49 -13.21
CA SER B 82 21.82 33.90 -13.82
C SER B 82 22.61 33.02 -12.87
N LEU B 83 23.51 32.22 -13.42
CA LEU B 83 24.32 31.33 -12.61
C LEU B 83 25.21 32.09 -11.65
N ASP B 84 25.67 33.26 -12.08
CA ASP B 84 26.53 34.09 -11.24
C ASP B 84 25.74 34.60 -10.04
N ASP B 85 24.48 34.95 -10.25
CA ASP B 85 23.62 35.43 -9.16
C ASP B 85 23.49 34.34 -8.09
N VAL B 86 23.22 33.11 -8.52
CA VAL B 86 23.06 31.98 -7.63
C VAL B 86 24.40 31.59 -6.98
N TYR B 87 25.44 31.46 -7.80
CA TYR B 87 26.77 31.09 -7.33
C TYR B 87 27.32 32.04 -6.27
N ALA B 88 26.99 33.31 -6.41
CA ALA B 88 27.41 34.34 -5.45
C ALA B 88 26.87 34.01 -4.07
N HIS B 89 25.68 33.42 -4.02
CA HIS B 89 25.05 33.03 -2.75
C HIS B 89 25.52 31.68 -2.24
N LEU B 90 25.94 30.78 -3.14
CA LEU B 90 26.43 29.45 -2.74
C LEU B 90 27.68 29.51 -1.86
N LEU B 91 28.13 30.72 -1.57
CA LEU B 91 29.29 30.96 -0.71
C LEU B 91 28.83 31.56 0.63
N LYS C 4 -22.16 19.11 5.91
CA LYS C 4 -21.23 20.25 6.16
C LYS C 4 -20.03 19.81 7.00
N THR C 5 -20.12 18.61 7.59
CA THR C 5 -19.06 18.05 8.42
C THR C 5 -17.98 17.36 7.58
N PHE C 6 -16.77 17.33 8.11
CA PHE C 6 -15.63 16.69 7.44
C PHE C 6 -16.01 15.23 7.13
N GLU C 7 -16.66 14.58 8.11
CA GLU C 7 -17.09 13.18 7.99
C GLU C 7 -18.16 12.92 6.93
N GLU C 8 -19.02 13.90 6.72
CA GLU C 8 -20.10 13.76 5.74
C GLU C 8 -19.56 13.86 4.32
N LEU C 9 -18.72 14.86 4.08
CA LEU C 9 -18.13 15.10 2.77
C LEU C 9 -17.23 13.95 2.35
N PHE C 10 -16.59 13.30 3.33
CA PHE C 10 -15.71 12.16 3.06
C PHE C 10 -16.49 10.94 2.58
N THR C 11 -17.64 10.69 3.19
CA THR C 11 -18.48 9.55 2.81
C THR C 11 -19.03 9.77 1.39
N GLU C 12 -19.24 11.05 1.04
CA GLU C 12 -19.72 11.42 -0.29
C GLU C 12 -18.68 11.04 -1.34
N LEU C 13 -17.41 11.26 -1.01
CA LEU C 13 -16.29 10.94 -1.90
C LEU C 13 -16.05 9.44 -2.07
N GLN C 14 -16.31 8.68 -1.01
CA GLN C 14 -16.13 7.23 -1.06
C GLN C 14 -17.11 6.61 -2.06
N HIS C 15 -18.30 7.20 -2.15
CA HIS C 15 -19.31 6.71 -3.07
C HIS C 15 -18.97 7.06 -4.53
N LYS C 16 -18.50 8.29 -4.75
CA LYS C 16 -18.15 8.75 -6.10
C LYS C 16 -16.95 7.97 -6.65
N ALA C 17 -16.26 7.27 -5.76
CA ALA C 17 -15.10 6.49 -6.14
C ALA C 17 -15.45 5.04 -6.45
N ALA C 18 -16.72 4.67 -6.24
CA ALA C 18 -17.19 3.32 -6.51
C ALA C 18 -17.18 3.00 -8.01
N ASN C 19 -17.05 4.05 -8.82
CA ASN C 19 -17.02 3.94 -10.27
C ASN C 19 -15.80 4.66 -10.85
N THR C 24 -16.88 7.54 -13.97
CA THR C 24 -15.60 8.23 -13.78
C THR C 24 -15.70 9.66 -14.26
N SER C 25 -15.84 9.82 -15.57
CA SER C 25 -15.88 11.13 -16.20
C SER C 25 -16.79 12.28 -15.71
N ARG C 26 -17.21 12.30 -14.45
CA ARG C 26 -18.00 13.44 -13.96
C ARG C 26 -17.10 14.26 -13.06
N THR C 27 -17.08 13.92 -11.77
CA THR C 27 -16.27 14.64 -10.78
C THR C 27 -14.86 14.02 -10.66
N ALA C 28 -13.86 14.86 -10.37
CA ALA C 28 -12.45 14.45 -10.23
C ALA C 28 -12.18 13.01 -9.81
N GLU C 29 -11.78 12.20 -10.79
CA GLU C 29 -11.47 10.79 -10.59
C GLU C 29 -9.98 10.53 -10.63
N LEU C 30 -9.30 11.00 -9.60
CA LEU C 30 -7.87 10.86 -9.46
C LEU C 30 -7.57 9.45 -8.94
N VAL C 31 -8.57 8.84 -8.30
CA VAL C 31 -8.42 7.50 -7.75
C VAL C 31 -8.02 6.53 -8.85
N ASP C 32 -8.50 6.80 -10.06
CA ASP C 32 -8.18 5.95 -11.20
C ASP C 32 -6.72 6.15 -11.61
N LYS C 33 -6.27 7.41 -11.62
CA LYS C 33 -4.89 7.72 -11.98
C LYS C 33 -3.91 7.15 -10.94
N GLY C 34 -4.35 7.10 -9.68
CA GLY C 34 -3.52 6.54 -8.63
C GLY C 34 -2.83 7.48 -7.67
N VAL C 35 -2.04 6.88 -6.77
CA VAL C 35 -1.27 7.57 -5.74
C VAL C 35 -0.32 8.63 -6.28
N HIS C 36 0.44 8.30 -7.31
CA HIS C 36 1.36 9.28 -7.85
C HIS C 36 0.69 10.62 -8.23
N ALA C 37 -0.44 10.55 -8.94
CA ALA C 37 -1.15 11.74 -9.38
C ALA C 37 -1.73 12.54 -8.21
N ILE C 38 -2.25 11.83 -7.22
CA ILE C 38 -2.82 12.45 -6.04
C ILE C 38 -1.72 13.07 -5.18
N GLY C 39 -0.58 12.36 -5.07
CA GLY C 39 0.59 12.84 -4.34
C GLY C 39 1.16 14.13 -4.89
N LYS C 40 1.15 14.31 -6.22
CA LYS C 40 1.63 15.56 -6.83
C LYS C 40 0.75 16.71 -6.34
N LYS C 41 -0.57 16.50 -6.32
CA LYS C 41 -1.51 17.52 -5.88
C LYS C 41 -1.36 17.84 -4.40
N VAL C 42 -1.21 16.81 -3.56
CA VAL C 42 -1.05 17.05 -2.13
C VAL C 42 0.17 17.92 -1.90
N VAL C 43 1.24 17.56 -2.56
CA VAL C 43 2.48 18.26 -2.43
C VAL C 43 2.45 19.68 -2.96
N GLU C 44 1.78 19.93 -4.09
CA GLU C 44 1.69 21.28 -4.62
C GLU C 44 0.74 22.14 -3.76
N GLU C 45 -0.36 21.55 -3.30
CA GLU C 45 -1.31 22.25 -2.45
C GLU C 45 -0.71 22.66 -1.10
N ALA C 46 0.15 21.81 -0.53
CA ALA C 46 0.81 22.13 0.74
C ALA C 46 1.67 23.38 0.56
N ALA C 47 2.38 23.47 -0.56
CA ALA C 47 3.19 24.65 -0.85
C ALA C 47 2.31 25.89 -1.03
N GLU C 48 1.15 25.71 -1.66
CA GLU C 48 0.18 26.79 -1.91
C GLU C 48 -0.41 27.26 -0.59
N VAL C 49 -0.67 26.32 0.31
CA VAL C 49 -1.20 26.65 1.63
C VAL C 49 -0.17 27.52 2.35
N TRP C 50 1.10 27.14 2.30
CA TRP C 50 2.15 27.91 2.96
C TRP C 50 2.26 29.30 2.33
N ALA C 52 -0.04 31.05 0.58
CA ALA C 52 -1.21 31.84 0.88
C ALA C 52 -1.19 32.30 2.32
N ALA C 53 -0.81 31.42 3.24
CA ALA C 53 -0.76 31.75 4.66
C ALA C 53 0.21 32.90 4.94
N GLU C 54 1.27 32.97 4.16
CA GLU C 54 2.30 33.99 4.32
C GLU C 54 2.00 35.33 3.61
N TYR C 55 1.59 35.25 2.35
CA TYR C 55 1.34 36.42 1.51
C TYR C 55 -0.10 36.87 1.22
N GLU C 56 -1.05 35.95 1.31
CA GLU C 56 -2.45 36.31 1.03
C GLU C 56 -3.34 36.51 2.25
N GLY C 57 -4.61 36.80 1.96
CA GLY C 57 -5.58 37.03 3.00
C GLY C 57 -6.09 35.74 3.59
N LYS C 58 -6.90 35.85 4.65
CA LYS C 58 -7.47 34.70 5.31
C LYS C 58 -8.34 33.88 4.39
N ASP C 59 -9.13 34.52 3.56
CA ASP C 59 -10.00 33.78 2.65
C ASP C 59 -9.20 32.94 1.68
N ALA C 60 -8.20 33.55 1.06
CA ALA C 60 -7.34 32.86 0.09
C ALA C 60 -6.66 31.65 0.73
N ALA C 61 -6.21 31.82 1.97
CA ALA C 61 -5.55 30.75 2.71
C ALA C 61 -6.51 29.61 2.99
N ALA C 62 -7.76 29.95 3.31
CA ALA C 62 -8.82 28.99 3.58
C ALA C 62 -9.17 28.25 2.30
N GLU C 63 -9.19 28.92 1.15
CA GLU C 63 -9.50 28.25 -0.11
C GLU C 63 -8.42 27.22 -0.42
N GLU C 64 -7.15 27.62 -0.30
CA GLU C 64 -6.06 26.70 -0.56
C GLU C 64 -6.09 25.54 0.42
N ILE C 65 -6.44 25.80 1.69
CA ILE C 65 -6.52 24.74 2.68
C ILE C 65 -7.59 23.74 2.34
N SER C 66 -8.71 24.21 1.81
CA SER C 66 -9.80 23.31 1.43
C SER C 66 -9.37 22.40 0.29
N GLN C 67 -8.56 22.92 -0.64
CA GLN C 67 -8.06 22.12 -1.76
C GLN C 67 -7.11 21.03 -1.22
N LEU C 68 -6.30 21.40 -0.23
CA LEU C 68 -5.36 20.45 0.38
C LEU C 68 -6.11 19.33 1.07
N LEU C 69 -7.12 19.71 1.86
CA LEU C 69 -7.95 18.74 2.57
C LEU C 69 -8.66 17.81 1.60
N TYR C 70 -9.19 18.37 0.50
CA TYR C 70 -9.88 17.58 -0.52
C TYR C 70 -8.96 16.48 -1.07
N HIS C 71 -7.77 16.87 -1.52
CA HIS C 71 -6.80 15.93 -2.03
C HIS C 71 -6.28 14.92 -0.98
N VAL C 72 -6.19 15.31 0.30
CA VAL C 72 -5.79 14.37 1.35
C VAL C 72 -6.90 13.32 1.48
N GLN C 73 -8.15 13.78 1.42
CA GLN C 73 -9.30 12.89 1.50
C GLN C 73 -9.34 11.94 0.31
N VAL C 74 -8.98 12.43 -0.87
CA VAL C 74 -8.94 11.60 -2.07
C VAL C 74 -7.85 10.53 -1.90
N VAL C 77 -9.18 7.84 0.21
CA VAL C 77 -10.10 7.02 -0.57
C VAL C 77 -9.32 6.06 -1.48
N ALA C 78 -8.23 6.55 -2.07
CA ALA C 78 -7.40 5.77 -2.97
C ALA C 78 -6.63 4.64 -2.29
N ARG C 79 -6.32 4.81 -1.01
CA ARG C 79 -5.59 3.79 -0.26
C ARG C 79 -6.48 3.02 0.71
N GLY C 80 -7.79 3.24 0.67
CA GLY C 80 -8.69 2.54 1.57
C GLY C 80 -8.56 2.89 3.04
N ILE C 81 -8.13 4.12 3.34
CA ILE C 81 -7.97 4.59 4.70
C ILE C 81 -9.27 5.26 5.12
N SER C 82 -9.69 5.00 6.36
CA SER C 82 -10.94 5.56 6.89
C SER C 82 -10.70 6.68 7.87
N LEU C 83 -11.75 7.46 8.14
CA LEU C 83 -11.66 8.56 9.08
C LEU C 83 -11.29 8.08 10.48
N ASP C 84 -11.79 6.91 10.84
CA ASP C 84 -11.52 6.31 12.15
C ASP C 84 -10.04 5.98 12.27
N ASP C 85 -9.45 5.47 11.19
CA ASP C 85 -8.04 5.12 11.17
C ASP C 85 -7.19 6.36 11.47
N VAL C 86 -7.54 7.47 10.80
CA VAL C 86 -6.84 8.76 10.94
C VAL C 86 -7.11 9.39 12.30
N TYR C 87 -8.38 9.45 12.68
CA TYR C 87 -8.78 10.04 13.94
C TYR C 87 -8.10 9.34 15.12
N ALA C 88 -7.94 8.02 15.02
CA ALA C 88 -7.30 7.24 16.08
C ALA C 88 -5.90 7.76 16.37
N HIS C 89 -5.25 8.29 15.33
CA HIS C 89 -3.89 8.83 15.43
C HIS C 89 -3.85 10.29 15.84
N LEU C 90 -4.91 11.04 15.52
CA LEU C 90 -5.00 12.46 15.87
C LEU C 90 -4.98 12.69 17.39
N LEU C 91 -4.86 11.60 18.14
CA LEU C 91 -4.82 11.63 19.60
C LEU C 91 -3.39 11.26 20.04
N LYS D 4 -13.97 13.34 19.30
CA LYS D 4 -13.45 12.43 18.24
C LYS D 4 -13.63 13.04 16.85
N THR D 5 -14.46 14.09 16.77
CA THR D 5 -14.74 14.77 15.50
C THR D 5 -13.65 15.80 15.18
N PHE D 6 -13.46 16.04 13.87
CA PHE D 6 -12.50 17.02 13.37
C PHE D 6 -12.78 18.36 14.04
N GLU D 7 -14.06 18.71 14.12
CA GLU D 7 -14.54 19.96 14.72
C GLU D 7 -14.27 20.10 16.21
N GLU D 8 -14.28 18.98 16.92
CA GLU D 8 -14.05 18.99 18.37
C GLU D 8 -12.60 19.19 18.71
N LEU D 9 -11.73 18.48 18.00
CA LEU D 9 -10.28 18.58 18.20
C LEU D 9 -9.76 19.96 17.83
N PHE D 10 -10.40 20.58 16.85
CA PHE D 10 -10.01 21.92 16.41
C PHE D 10 -10.29 22.97 17.47
N THR D 11 -11.45 22.87 18.13
CA THR D 11 -11.82 23.82 19.17
C THR D 11 -10.89 23.64 20.38
N GLU D 12 -10.37 22.43 20.55
CA GLU D 12 -9.45 22.14 21.64
C GLU D 12 -8.14 22.90 21.42
N LEU D 13 -7.68 22.91 20.16
CA LEU D 13 -6.46 23.60 19.77
C LEU D 13 -6.60 25.13 19.86
N GLN D 14 -7.79 25.65 19.56
CA GLN D 14 -8.01 27.10 19.63
C GLN D 14 -7.80 27.60 21.06
N HIS D 15 -8.19 26.77 22.02
CA HIS D 15 -8.06 27.13 23.44
C HIS D 15 -6.62 27.05 23.92
N LYS D 16 -5.89 26.03 23.48
CA LYS D 16 -4.50 25.86 23.86
C LYS D 16 -3.63 26.96 23.27
N ALA D 17 -4.17 27.66 22.28
CA ALA D 17 -3.45 28.75 21.62
C ALA D 17 -3.73 30.10 22.26
N ALA D 18 -4.62 30.13 23.27
CA ALA D 18 -4.96 31.37 23.97
C ALA D 18 -3.79 31.87 24.81
N ASN D 19 -2.80 30.99 25.03
CA ASN D 19 -1.61 31.30 25.80
C ASN D 19 -0.33 30.95 25.02
N THR D 24 2.39 28.32 27.28
CA THR D 24 3.04 27.96 26.03
C THR D 24 3.73 26.62 26.18
N SER D 25 4.77 26.60 26.99
CA SER D 25 5.60 25.41 27.20
C SER D 25 5.01 24.04 27.55
N ARG D 26 3.75 23.75 27.20
CA ARG D 26 3.20 22.40 27.44
C ARG D 26 3.11 21.70 26.09
N THR D 27 1.98 21.86 25.40
CA THR D 27 1.74 21.24 24.10
C THR D 27 2.21 22.16 22.96
N ALA D 28 2.68 21.56 21.87
CA ALA D 28 3.19 22.25 20.67
C ALA D 28 2.64 23.65 20.40
N GLU D 29 3.46 24.65 20.71
CA GLU D 29 3.08 26.05 20.52
C GLU D 29 3.83 26.66 19.35
N LEU D 30 3.44 26.22 18.15
CA LEU D 30 4.02 26.68 16.91
C LEU D 30 3.42 28.02 16.55
N VAL D 31 2.23 28.29 17.09
CA VAL D 31 1.53 29.55 16.84
C VAL D 31 2.40 30.74 17.24
N ASP D 32 3.25 30.53 18.23
CA ASP D 32 4.14 31.58 18.70
C ASP D 32 5.25 31.80 17.69
N LYS D 33 5.81 30.70 17.18
CA LYS D 33 6.90 30.74 16.19
C LYS D 33 6.41 31.37 14.90
N GLY D 34 5.13 31.15 14.57
CA GLY D 34 4.57 31.74 13.39
C GLY D 34 4.35 30.88 12.17
N VAL D 35 3.83 31.53 11.13
CA VAL D 35 3.51 30.91 9.85
C VAL D 35 4.69 30.18 9.21
N HIS D 36 5.87 30.80 9.18
CA HIS D 36 7.03 30.14 8.57
C HIS D 36 7.30 28.76 9.20
N ALA D 37 7.32 28.67 10.53
CA ALA D 37 7.58 27.40 11.23
C ALA D 37 6.51 26.36 10.97
N ILE D 38 5.26 26.80 10.91
CA ILE D 38 4.16 25.89 10.64
C ILE D 38 4.19 25.44 9.18
N GLY D 39 4.56 26.36 8.30
CA GLY D 39 4.61 26.06 6.87
C GLY D 39 5.63 25.01 6.54
N LYS D 40 6.80 25.05 7.20
CA LYS D 40 7.84 24.03 6.99
C LYS D 40 7.24 22.65 7.31
N LYS D 41 6.50 22.56 8.41
CA LYS D 41 5.88 21.32 8.84
C LYS D 41 4.82 20.83 7.85
N VAL D 42 3.95 21.73 7.40
CA VAL D 42 2.91 21.36 6.45
C VAL D 42 3.50 20.76 5.18
N VAL D 43 4.52 21.42 4.67
CA VAL D 43 5.24 21.02 3.48
C VAL D 43 6.01 19.70 3.67
N GLU D 44 6.67 19.50 4.82
CA GLU D 44 7.40 18.26 5.05
C GLU D 44 6.44 17.10 5.27
N GLU D 45 5.30 17.38 5.91
CA GLU D 45 4.31 16.36 6.17
C GLU D 45 3.59 15.90 4.93
N ALA D 46 3.38 16.81 3.98
CA ALA D 46 2.71 16.48 2.73
C ALA D 46 3.58 15.45 2.01
N ALA D 47 4.87 15.75 1.93
CA ALA D 47 5.80 14.85 1.28
C ALA D 47 5.85 13.50 2.03
N GLU D 48 5.73 13.50 3.36
CA GLU D 48 5.73 12.25 4.12
C GLU D 48 4.44 11.49 3.82
N VAL D 49 3.33 12.19 3.72
CA VAL D 49 2.06 11.56 3.37
C VAL D 49 2.20 10.84 2.02
N TRP D 50 2.73 11.53 1.01
CA TRP D 50 2.87 10.96 -0.33
C TRP D 50 3.78 9.72 -0.25
N ALA D 52 4.55 7.76 2.35
CA ALA D 52 3.88 6.68 3.06
C ALA D 52 2.78 6.07 2.21
N ALA D 53 2.03 6.89 1.48
CA ALA D 53 0.96 6.40 0.62
C ALA D 53 1.49 5.46 -0.46
N GLU D 54 2.69 5.77 -0.95
CA GLU D 54 3.34 4.99 -1.98
C GLU D 54 4.09 3.74 -1.51
N TYR D 55 4.91 3.87 -0.46
CA TYR D 55 5.72 2.77 0.03
C TYR D 55 5.31 2.03 1.29
N GLU D 56 4.55 2.68 2.17
CA GLU D 56 4.14 2.06 3.41
C GLU D 56 2.72 1.53 3.48
N GLY D 57 2.37 0.95 4.62
CA GLY D 57 1.05 0.39 4.81
C GLY D 57 0.01 1.44 5.11
N LYS D 58 -1.23 0.99 5.21
CA LYS D 58 -2.36 1.85 5.48
C LYS D 58 -2.25 2.58 6.80
N ASP D 59 -1.80 1.90 7.85
CA ASP D 59 -1.67 2.52 9.16
C ASP D 59 -0.59 3.60 9.16
N ALA D 60 0.54 3.34 8.52
CA ALA D 60 1.62 4.31 8.45
C ALA D 60 1.17 5.55 7.71
N ALA D 61 0.39 5.36 6.65
CA ALA D 61 -0.13 6.46 5.86
C ALA D 61 -1.13 7.29 6.68
N ALA D 62 -1.94 6.61 7.47
CA ALA D 62 -2.92 7.27 8.30
C ALA D 62 -2.24 8.07 9.41
N GLU D 63 -1.09 7.59 9.91
CA GLU D 63 -0.39 8.32 10.96
C GLU D 63 0.18 9.59 10.35
N GLU D 64 0.77 9.48 9.17
CA GLU D 64 1.33 10.65 8.50
C GLU D 64 0.25 11.65 8.12
N ILE D 65 -0.92 11.14 7.73
CA ILE D 65 -2.01 12.03 7.38
C ILE D 65 -2.48 12.78 8.59
N SER D 66 -2.55 12.10 9.73
CA SER D 66 -2.98 12.77 10.95
C SER D 66 -2.04 13.92 11.32
N GLN D 67 -0.73 13.70 11.16
CA GLN D 67 0.27 14.73 11.44
C GLN D 67 0.06 15.93 10.51
N LEU D 68 -0.23 15.68 9.24
CA LEU D 68 -0.49 16.74 8.26
C LEU D 68 -1.73 17.52 8.69
N LEU D 69 -2.84 16.85 8.98
CA LEU D 69 -4.07 17.52 9.39
C LEU D 69 -3.87 18.36 10.66
N TYR D 70 -3.07 17.85 11.59
CA TYR D 70 -2.80 18.57 12.83
C TYR D 70 -2.12 19.89 12.53
N HIS D 71 -1.08 19.84 11.68
CA HIS D 71 -0.35 21.05 11.32
C HIS D 71 -1.20 21.99 10.48
N VAL D 72 -2.09 21.44 9.66
CA VAL D 72 -2.97 22.31 8.87
C VAL D 72 -3.87 23.06 9.86
N GLN D 73 -4.39 22.34 10.86
CA GLN D 73 -5.26 22.93 11.88
C GLN D 73 -4.52 24.00 12.69
N VAL D 74 -3.24 23.76 12.95
CA VAL D 74 -2.44 24.71 13.67
C VAL D 74 -2.31 25.98 12.84
N VAL D 77 -5.38 28.02 13.11
CA VAL D 77 -5.41 28.71 14.38
C VAL D 77 -4.51 29.94 14.33
N ALA D 78 -3.33 29.77 13.74
CA ALA D 78 -2.34 30.85 13.65
C ALA D 78 -2.78 32.03 12.80
N ARG D 79 -3.65 31.77 11.82
CA ARG D 79 -4.13 32.79 10.90
C ARG D 79 -5.57 33.21 11.18
N GLY D 80 -6.13 32.68 12.27
CA GLY D 80 -7.49 33.04 12.61
C GLY D 80 -8.58 32.51 11.69
N ILE D 81 -8.29 31.42 10.97
CA ILE D 81 -9.24 30.81 10.05
C ILE D 81 -10.09 29.81 10.82
N SER D 82 -11.38 29.78 10.53
CA SER D 82 -12.31 28.88 11.20
C SER D 82 -12.74 27.74 10.30
N LEU D 83 -13.33 26.71 10.90
CA LEU D 83 -13.79 25.54 10.17
C LEU D 83 -14.89 25.89 9.19
N ASP D 84 -15.71 26.88 9.55
CA ASP D 84 -16.78 27.31 8.67
C ASP D 84 -16.19 27.96 7.43
N ASP D 85 -15.12 28.73 7.62
CA ASP D 85 -14.46 29.41 6.50
C ASP D 85 -13.99 28.36 5.50
N VAL D 86 -13.30 27.34 6.00
CA VAL D 86 -12.79 26.26 5.17
C VAL D 86 -13.91 25.40 4.56
N TYR D 87 -14.85 24.96 5.40
CA TYR D 87 -15.96 24.14 4.95
C TYR D 87 -16.77 24.83 3.85
N ALA D 88 -16.89 26.15 3.93
CA ALA D 88 -17.63 26.91 2.94
C ALA D 88 -17.02 26.70 1.56
N HIS D 89 -15.71 26.49 1.53
CA HIS D 89 -14.99 26.27 0.28
C HIS D 89 -14.98 24.82 -0.17
N LEU D 90 -15.06 23.89 0.78
CA LEU D 90 -15.07 22.46 0.47
C LEU D 90 -16.25 22.05 -0.39
N LEU D 91 -17.07 23.02 -0.76
CA LEU D 91 -18.25 22.81 -1.60
C LEU D 91 -18.02 23.45 -2.98
N LYS E 4 11.37 -16.28 -22.27
CA LYS E 4 11.06 -17.57 -21.59
C LYS E 4 11.40 -17.52 -20.11
N THR E 5 12.14 -16.49 -19.69
CA THR E 5 12.54 -16.31 -18.30
C THR E 5 11.47 -15.61 -17.48
N PHE E 6 11.44 -15.90 -16.18
CA PHE E 6 10.48 -15.30 -15.24
C PHE E 6 10.58 -13.78 -15.36
N GLU E 7 11.82 -13.28 -15.44
CA GLU E 7 12.12 -11.85 -15.54
C GLU E 7 11.65 -11.17 -16.82
N GLU E 8 11.64 -11.91 -17.92
CA GLU E 8 11.22 -11.39 -19.22
C GLU E 8 9.71 -11.24 -19.29
N LEU E 9 8.98 -12.29 -18.87
CA LEU E 9 7.52 -12.30 -18.88
C LEU E 9 6.97 -11.22 -17.95
N PHE E 10 7.67 -10.96 -16.85
CA PHE E 10 7.25 -9.94 -15.87
C PHE E 10 7.31 -8.54 -16.47
N THR E 11 8.38 -8.24 -17.22
CA THR E 11 8.54 -6.94 -17.85
C THR E 11 7.48 -6.74 -18.93
N GLU E 12 7.03 -7.84 -19.53
CA GLU E 12 5.98 -7.81 -20.54
C GLU E 12 4.67 -7.36 -19.89
N LEU E 13 4.39 -7.87 -18.69
CA LEU E 13 3.18 -7.52 -17.94
C LEU E 13 3.18 -6.08 -17.42
N GLN E 14 4.35 -5.56 -17.09
CA GLN E 14 4.45 -4.18 -16.60
C GLN E 14 4.03 -3.21 -17.69
N HIS E 15 4.35 -3.55 -18.94
CA HIS E 15 4.00 -2.72 -20.09
C HIS E 15 2.50 -2.78 -20.41
N LYS E 16 1.93 -3.98 -20.39
CA LYS E 16 0.50 -4.16 -20.65
C LYS E 16 -0.35 -3.48 -19.58
N ALA E 17 0.28 -3.12 -18.46
CA ALA E 17 -0.41 -2.46 -17.36
C ALA E 17 -0.34 -0.95 -17.45
N ALA E 18 0.42 -0.44 -18.44
CA ALA E 18 0.57 0.99 -18.64
C ALA E 18 -0.74 1.63 -19.09
N ASN E 19 -1.67 0.79 -19.54
CA ASN E 19 -2.98 1.24 -20.01
C ASN E 19 -4.11 0.51 -19.28
N THR E 24 -6.94 -1.41 -22.09
CA THR E 24 -7.38 -2.30 -21.02
C THR E 24 -7.99 -3.55 -21.61
N SER E 25 -9.12 -3.39 -22.26
CA SER E 25 -9.88 -4.49 -22.83
C SER E 25 -9.25 -5.56 -23.75
N ARG E 26 -7.94 -5.80 -23.66
CA ARG E 26 -7.35 -6.88 -24.46
C ARG E 26 -7.03 -8.04 -23.51
N THR E 27 -5.82 -8.02 -22.93
CA THR E 27 -5.36 -9.05 -22.01
C THR E 27 -5.73 -8.70 -20.56
N ALA E 28 -6.01 -9.72 -19.75
CA ALA E 28 -6.40 -9.58 -18.33
C ALA E 28 -5.90 -8.33 -17.60
N GLU E 29 -6.83 -7.40 -17.40
CA GLU E 29 -6.56 -6.14 -16.71
C GLU E 29 -7.16 -6.12 -15.33
N LEU E 30 -6.58 -6.92 -14.44
CA LEU E 30 -7.00 -7.03 -13.06
C LEU E 30 -6.44 -5.87 -12.26
N VAL E 31 -5.36 -5.27 -12.76
CA VAL E 31 -4.72 -4.12 -12.12
C VAL E 31 -5.72 -3.00 -11.95
N ASP E 32 -6.66 -2.90 -12.89
CA ASP E 32 -7.69 -1.87 -12.83
C ASP E 32 -8.68 -2.18 -11.70
N LYS E 33 -9.08 -3.45 -11.60
CA LYS E 33 -10.01 -3.90 -10.57
C LYS E 33 -9.40 -3.76 -9.17
N GLY E 34 -8.07 -3.85 -9.10
CA GLY E 34 -7.38 -3.71 -7.83
C GLY E 34 -6.95 -4.97 -7.11
N VAL E 35 -6.39 -4.75 -5.92
CA VAL E 35 -5.86 -5.76 -5.03
C VAL E 35 -6.89 -6.80 -4.62
N HIS E 36 -8.08 -6.36 -4.24
CA HIS E 36 -9.07 -7.31 -3.83
C HIS E 36 -9.35 -8.41 -4.86
N ALA E 37 -9.57 -8.03 -6.10
CA ALA E 37 -9.84 -8.96 -7.18
C ALA E 37 -8.64 -9.89 -7.46
N ILE E 38 -7.43 -9.36 -7.39
CA ILE E 38 -6.23 -10.14 -7.61
C ILE E 38 -6.00 -11.08 -6.45
N GLY E 39 -6.33 -10.62 -5.24
CA GLY E 39 -6.18 -11.42 -4.04
C GLY E 39 -7.07 -12.64 -4.05
N LYS E 40 -8.30 -12.49 -4.53
CA LYS E 40 -9.20 -13.64 -4.62
C LYS E 40 -8.54 -14.72 -5.51
N LYS E 41 -8.01 -14.32 -6.67
CA LYS E 41 -7.35 -15.23 -7.61
C LYS E 41 -6.13 -15.92 -7.02
N VAL E 42 -5.27 -15.17 -6.32
CA VAL E 42 -4.09 -15.73 -5.69
C VAL E 42 -4.47 -16.79 -4.69
N VAL E 43 -5.48 -16.49 -3.89
CA VAL E 43 -5.96 -17.39 -2.86
C VAL E 43 -6.67 -18.62 -3.44
N GLU E 44 -7.42 -18.46 -4.54
CA GLU E 44 -8.08 -19.61 -5.13
C GLU E 44 -7.09 -20.49 -5.91
N GLU E 45 -6.08 -19.86 -6.48
CA GLU E 45 -5.06 -20.60 -7.21
C GLU E 45 -4.15 -21.39 -6.29
N ALA E 46 -3.82 -20.86 -5.11
CA ALA E 46 -2.98 -21.60 -4.15
C ALA E 46 -3.71 -22.89 -3.77
N ALA E 47 -5.01 -22.80 -3.55
CA ALA E 47 -5.81 -23.97 -3.21
C ALA E 47 -5.83 -24.97 -4.37
N GLU E 48 -5.92 -24.48 -5.60
CA GLU E 48 -5.90 -25.33 -6.78
C GLU E 48 -4.52 -26.01 -6.92
N VAL E 49 -3.46 -25.27 -6.61
CA VAL E 49 -2.11 -25.79 -6.69
C VAL E 49 -2.00 -26.96 -5.72
N TRP E 50 -2.44 -26.78 -4.47
CA TRP E 50 -2.39 -27.84 -3.46
C TRP E 50 -3.21 -29.04 -3.94
N ALA E 52 -4.18 -29.96 -7.06
CA ALA E 52 -3.56 -30.65 -8.19
C ALA E 52 -2.30 -31.41 -7.78
N ALA E 53 -1.54 -30.84 -6.86
CA ALA E 53 -0.33 -31.47 -6.39
C ALA E 53 -0.63 -32.80 -5.70
N GLU E 54 -1.77 -32.83 -5.02
CA GLU E 54 -2.20 -34.01 -4.27
C GLU E 54 -2.90 -35.08 -5.10
N TYR E 55 -3.87 -34.67 -5.91
CA TYR E 55 -4.68 -35.58 -6.70
C TYR E 55 -4.44 -35.69 -8.20
N GLU E 56 -3.79 -34.70 -8.81
CA GLU E 56 -3.57 -34.74 -10.25
C GLU E 56 -2.13 -35.05 -10.71
N GLY E 57 -1.96 -35.09 -12.03
CA GLY E 57 -0.66 -35.36 -12.60
C GLY E 57 0.30 -34.19 -12.53
N LYS E 58 1.55 -34.43 -12.87
CA LYS E 58 2.59 -33.40 -12.86
C LYS E 58 2.25 -32.24 -13.78
N ASP E 59 1.72 -32.54 -14.97
CA ASP E 59 1.37 -31.49 -15.92
C ASP E 59 0.27 -30.59 -15.37
N ALA E 60 -0.79 -31.19 -14.84
CA ALA E 60 -1.91 -30.43 -14.28
C ALA E 60 -1.45 -29.53 -13.16
N ALA E 61 -0.53 -30.01 -12.32
CA ALA E 61 -0.01 -29.23 -11.21
C ALA E 61 0.86 -28.06 -11.72
N ALA E 62 1.55 -28.29 -12.82
CA ALA E 62 2.40 -27.29 -13.44
C ALA E 62 1.53 -26.21 -14.04
N GLU E 63 0.38 -26.57 -14.61
CA GLU E 63 -0.52 -25.61 -15.20
C GLU E 63 -1.09 -24.72 -14.10
N GLU E 64 -1.52 -25.33 -13.00
CA GLU E 64 -2.07 -24.58 -11.89
C GLU E 64 -1.02 -23.66 -11.28
N ILE E 65 0.22 -24.15 -11.18
CA ILE E 65 1.31 -23.34 -10.63
C ILE E 65 1.57 -22.13 -11.51
N SER E 66 1.48 -22.29 -12.82
CA SER E 66 1.71 -21.17 -13.74
C SER E 66 0.64 -20.11 -13.53
N GLN E 67 -0.60 -20.54 -13.33
CA GLN E 67 -1.70 -19.62 -13.08
C GLN E 67 -1.43 -18.84 -11.79
N LEU E 68 -0.94 -19.53 -10.74
CA LEU E 68 -0.63 -18.88 -9.47
C LEU E 68 0.47 -17.85 -9.64
N LEU E 69 1.56 -18.23 -10.31
CA LEU E 69 2.68 -17.32 -10.55
C LEU E 69 2.23 -16.10 -11.38
N TYR E 70 1.35 -16.33 -12.35
CA TYR E 70 0.87 -15.24 -13.17
C TYR E 70 0.18 -14.19 -12.29
N HIS E 71 -0.75 -14.66 -11.46
CA HIS E 71 -1.47 -13.75 -10.56
C HIS E 71 -0.59 -13.11 -9.48
N VAL E 72 0.43 -13.81 -9.02
CA VAL E 72 1.34 -13.19 -8.06
C VAL E 72 2.04 -12.04 -8.78
N GLN E 73 2.46 -12.28 -10.03
CA GLN E 73 3.12 -11.25 -10.84
C GLN E 73 2.21 -10.07 -11.06
N VAL E 74 0.93 -10.34 -11.30
CA VAL E 74 -0.03 -9.27 -11.51
C VAL E 74 -0.16 -8.45 -10.24
N VAL E 77 2.71 -6.15 -9.99
CA VAL E 77 2.50 -5.05 -10.90
C VAL E 77 1.55 -4.03 -10.28
N ALA E 78 0.42 -4.52 -9.73
CA ALA E 78 -0.60 -3.69 -9.10
C ALA E 78 -0.12 -2.88 -7.90
N ARG E 79 0.87 -3.38 -7.18
CA ARG E 79 1.42 -2.71 -6.01
C ARG E 79 2.78 -2.05 -6.26
N GLY E 80 3.23 -2.06 -7.51
CA GLY E 80 4.51 -1.45 -7.83
C GLY E 80 5.73 -2.14 -7.27
N ILE E 81 5.65 -3.45 -7.07
CA ILE E 81 6.75 -4.24 -6.54
C ILE E 81 7.54 -4.79 -7.70
N SER E 82 8.86 -4.73 -7.59
CA SER E 82 9.77 -5.21 -8.64
C SER E 82 10.38 -6.57 -8.30
N LEU E 83 10.93 -7.23 -9.32
CA LEU E 83 11.58 -8.52 -9.15
C LEU E 83 12.77 -8.43 -8.20
N ASP E 84 13.48 -7.30 -8.26
CA ASP E 84 14.64 -7.09 -7.40
C ASP E 84 14.21 -7.02 -5.94
N ASP E 85 13.07 -6.37 -5.68
CA ASP E 85 12.52 -6.26 -4.33
C ASP E 85 12.25 -7.67 -3.76
N VAL E 86 11.62 -8.52 -4.57
CA VAL E 86 11.29 -9.88 -4.19
C VAL E 86 12.52 -10.78 -4.10
N TYR E 87 13.37 -10.72 -5.11
CA TYR E 87 14.59 -11.53 -5.13
C TYR E 87 15.49 -11.21 -3.94
N ALA E 88 15.55 -9.96 -3.53
CA ALA E 88 16.37 -9.56 -2.39
C ALA E 88 15.95 -10.35 -1.13
N HIS E 89 14.64 -10.68 -1.05
CA HIS E 89 14.09 -11.43 0.08
C HIS E 89 14.24 -12.93 -0.06
N LEU E 90 14.26 -13.43 -1.30
CA LEU E 90 14.42 -14.85 -1.57
C LEU E 90 15.74 -15.42 -1.05
N LEU E 91 16.55 -14.56 -0.43
CA LEU E 91 17.84 -14.94 0.14
C LEU E 91 17.75 -14.91 1.67
N LYS F 4 21.07 -15.15 -8.61
CA LYS F 4 20.03 -14.12 -8.31
C LYS F 4 18.76 -14.36 -9.14
N THR F 5 18.86 -15.23 -10.15
CA THR F 5 17.72 -15.55 -11.01
C THR F 5 16.83 -16.63 -10.40
N PHE F 6 15.54 -16.59 -10.75
CA PHE F 6 14.55 -17.55 -10.28
C PHE F 6 15.07 -18.96 -10.61
N GLU F 7 15.62 -19.11 -11.82
CA GLU F 7 16.15 -20.38 -12.32
C GLU F 7 17.36 -20.91 -11.58
N GLU F 8 18.18 -20.00 -11.07
CA GLU F 8 19.39 -20.35 -10.33
C GLU F 8 19.07 -20.88 -8.94
N LEU F 9 18.20 -20.15 -8.24
CA LEU F 9 17.77 -20.50 -6.89
C LEU F 9 17.01 -21.82 -6.87
N PHE F 10 16.31 -22.12 -7.96
CA PHE F 10 15.55 -23.35 -8.07
C PHE F 10 16.46 -24.56 -8.17
N THR F 11 17.54 -24.44 -8.95
CA THR F 11 18.49 -25.53 -9.12
C THR F 11 19.22 -25.81 -7.81
N GLU F 12 19.37 -24.76 -6.99
CA GLU F 12 20.01 -24.86 -5.69
C GLU F 12 19.16 -25.73 -4.76
N LEU F 13 17.84 -25.53 -4.83
CA LEU F 13 16.88 -26.29 -4.02
C LEU F 13 16.78 -27.74 -4.44
N GLN F 14 16.94 -28.01 -5.74
CA GLN F 14 16.87 -29.38 -6.25
C GLN F 14 17.99 -30.22 -5.67
N HIS F 15 19.16 -29.60 -5.49
CA HIS F 15 20.32 -30.27 -4.92
C HIS F 15 20.16 -30.52 -3.42
N LYS F 16 19.65 -29.53 -2.69
CA LYS F 16 19.45 -29.67 -1.25
C LYS F 16 18.40 -30.72 -0.94
N ALA F 17 17.62 -31.10 -1.96
CA ALA F 17 16.58 -32.10 -1.82
C ALA F 17 17.05 -33.51 -2.12
N ALA F 18 18.31 -33.63 -2.56
CA ALA F 18 18.90 -34.93 -2.89
C ALA F 18 19.11 -35.77 -1.63
N ASN F 19 19.03 -35.13 -0.47
CA ASN F 19 19.21 -35.79 0.83
C ASN F 19 18.03 -35.50 1.77
N THR F 24 19.35 -33.87 5.65
CA THR F 24 18.01 -33.33 5.85
C THR F 24 18.07 -32.18 6.84
N SER F 25 18.38 -32.51 8.07
CA SER F 25 18.43 -31.54 9.18
C SER F 25 19.18 -30.19 9.09
N ARG F 26 19.41 -29.64 7.89
CA ARG F 26 20.06 -28.32 7.80
C ARG F 26 18.98 -27.33 7.39
N THR F 27 18.80 -27.16 6.07
CA THR F 27 17.82 -26.23 5.52
C THR F 27 16.45 -26.91 5.31
N ALA F 28 15.37 -26.15 5.48
CA ALA F 28 13.99 -26.63 5.33
C ALA F 28 13.76 -27.83 4.41
N GLU F 29 13.55 -28.99 5.04
CA GLU F 29 13.31 -30.23 4.33
C GLU F 29 11.86 -30.68 4.44
N LEU F 30 11.01 -29.90 3.77
CA LEU F 30 9.59 -30.15 3.71
C LEU F 30 9.31 -31.27 2.73
N VAL F 31 10.24 -31.48 1.80
CA VAL F 31 10.10 -32.52 0.78
C VAL F 31 9.93 -33.89 1.45
N ASP F 32 10.56 -34.05 2.61
CA ASP F 32 10.47 -35.30 3.35
C ASP F 32 9.06 -35.44 3.92
N LYS F 33 8.55 -34.35 4.48
CA LYS F 33 7.21 -34.33 5.09
C LYS F 33 6.12 -34.55 4.04
N GLY F 34 6.39 -34.12 2.81
CA GLY F 34 5.44 -34.33 1.74
C GLY F 34 4.56 -33.19 1.34
N VAL F 35 3.77 -33.46 0.30
CA VAL F 35 2.82 -32.54 -0.32
C VAL F 35 1.85 -31.86 0.66
N HIS F 36 1.27 -32.64 1.57
CA HIS F 36 0.34 -32.06 2.53
C HIS F 36 0.96 -30.91 3.34
N ALA F 37 2.18 -31.10 3.85
CA ALA F 37 2.86 -30.09 4.64
C ALA F 37 3.23 -28.85 3.82
N ILE F 38 3.63 -29.08 2.57
CA ILE F 38 3.99 -27.97 1.70
C ILE F 38 2.73 -27.21 1.29
N GLY F 39 1.67 -27.96 1.04
CA GLY F 39 0.39 -27.37 0.67
C GLY F 39 -0.14 -26.44 1.74
N LYS F 40 0.01 -26.80 3.01
CA LYS F 40 -0.45 -25.94 4.10
C LYS F 40 0.26 -24.60 3.99
N LYS F 41 1.57 -24.64 3.76
CA LYS F 41 2.36 -23.44 3.65
C LYS F 41 1.98 -22.59 2.43
N VAL F 42 1.82 -23.24 1.27
CA VAL F 42 1.45 -22.53 0.05
C VAL F 42 0.16 -21.74 0.29
N VAL F 43 -0.83 -22.44 0.83
CA VAL F 43 -2.13 -21.87 1.13
C VAL F 43 -2.10 -20.76 2.18
N GLU F 44 -1.28 -20.91 3.23
CA GLU F 44 -1.21 -19.88 4.25
C GLU F 44 -0.46 -18.68 3.72
N GLU F 45 0.61 -18.90 2.97
CA GLU F 45 1.38 -17.80 2.37
C GLU F 45 0.56 -16.98 1.33
N ALA F 46 -0.31 -17.64 0.56
CA ALA F 46 -1.13 -16.93 -0.39
C ALA F 46 -2.02 -15.92 0.33
N ALA F 47 -2.59 -16.34 1.46
CA ALA F 47 -3.44 -15.46 2.23
C ALA F 47 -2.62 -14.34 2.83
N GLU F 48 -1.36 -14.62 3.21
CA GLU F 48 -0.47 -13.62 3.79
C GLU F 48 -0.10 -12.61 2.70
N VAL F 49 0.13 -13.09 1.49
CA VAL F 49 0.44 -12.23 0.36
C VAL F 49 -0.73 -11.27 0.15
N TRP F 50 -1.96 -11.78 0.08
CA TRP F 50 -3.13 -10.94 -0.10
C TRP F 50 -3.20 -9.91 1.04
N ALA F 52 -0.87 -8.74 3.11
CA ALA F 52 0.19 -7.76 3.01
C ALA F 52 -0.06 -6.79 1.86
N ALA F 53 -0.50 -7.29 0.71
CA ALA F 53 -0.78 -6.45 -0.44
C ALA F 53 -1.86 -5.39 -0.12
N GLU F 54 -2.83 -5.78 0.71
CA GLU F 54 -3.91 -4.89 1.11
C GLU F 54 -3.60 -3.90 2.24
N TYR F 55 -3.01 -4.39 3.33
CA TYR F 55 -2.73 -3.56 4.50
C TYR F 55 -1.32 -3.07 4.75
N GLU F 56 -0.32 -3.78 4.24
CA GLU F 56 1.08 -3.40 4.48
C GLU F 56 1.81 -2.69 3.37
N GLY F 57 3.07 -2.33 3.64
CA GLY F 57 3.90 -1.65 2.67
C GLY F 57 4.41 -2.57 1.57
N LYS F 58 5.09 -1.99 0.59
CA LYS F 58 5.64 -2.72 -0.53
C LYS F 58 6.67 -3.74 -0.11
N ASP F 59 7.54 -3.37 0.81
CA ASP F 59 8.56 -4.28 1.27
C ASP F 59 7.94 -5.52 1.96
N ALA F 60 6.96 -5.28 2.83
CA ALA F 60 6.28 -6.36 3.55
C ALA F 60 5.63 -7.33 2.58
N ALA F 61 5.04 -6.78 1.52
CA ALA F 61 4.37 -7.57 0.51
C ALA F 61 5.39 -8.39 -0.29
N ALA F 62 6.54 -7.80 -0.54
CA ALA F 62 7.58 -8.46 -1.27
C ALA F 62 8.15 -9.60 -0.44
N GLU F 63 8.25 -9.42 0.87
CA GLU F 63 8.75 -10.48 1.75
C GLU F 63 7.78 -11.65 1.73
N GLU F 64 6.49 -11.37 1.87
CA GLU F 64 5.48 -12.41 1.85
C GLU F 64 5.47 -13.14 0.51
N ILE F 65 5.65 -12.40 -0.59
CA ILE F 65 5.65 -13.00 -1.93
C ILE F 65 6.82 -13.96 -2.08
N SER F 66 7.98 -13.58 -1.54
CA SER F 66 9.16 -14.42 -1.61
C SER F 66 8.93 -15.74 -0.88
N GLN F 67 8.24 -15.69 0.25
CA GLN F 67 7.94 -16.88 1.03
C GLN F 67 7.00 -17.79 0.21
N LEU F 68 6.03 -17.19 -0.45
CA LEU F 68 5.09 -17.93 -1.29
C LEU F 68 5.82 -18.59 -2.45
N LEU F 69 6.73 -17.88 -3.12
CA LEU F 69 7.47 -18.44 -4.24
C LEU F 69 8.40 -19.57 -3.80
N TYR F 70 9.02 -19.40 -2.64
CA TYR F 70 9.91 -20.41 -2.09
C TYR F 70 9.15 -21.72 -1.86
N HIS F 71 7.94 -21.63 -1.29
CA HIS F 71 7.13 -22.82 -1.04
C HIS F 71 6.56 -23.41 -2.32
N VAL F 72 6.27 -22.58 -3.31
CA VAL F 72 5.80 -23.10 -4.58
C VAL F 72 6.95 -23.90 -5.18
N GLN F 73 8.17 -23.34 -5.12
CA GLN F 73 9.37 -24.01 -5.64
C GLN F 73 9.62 -25.33 -4.91
N VAL F 74 9.44 -25.34 -3.61
CA VAL F 74 9.60 -26.57 -2.86
C VAL F 74 8.60 -27.61 -3.38
N VAL F 77 9.75 -29.17 -6.46
CA VAL F 77 10.82 -30.12 -6.16
C VAL F 77 10.22 -31.43 -5.65
N ALA F 78 9.25 -31.32 -4.74
CA ALA F 78 8.60 -32.49 -4.17
C ALA F 78 7.82 -33.34 -5.17
N ARG F 79 7.34 -32.73 -6.25
CA ARG F 79 6.56 -33.43 -7.27
C ARG F 79 7.35 -33.70 -8.54
N GLY F 80 8.62 -33.35 -8.55
CA GLY F 80 9.42 -33.57 -9.73
C GLY F 80 9.06 -32.70 -10.93
N ILE F 81 8.49 -31.52 -10.69
CA ILE F 81 8.12 -30.57 -11.75
C ILE F 81 9.32 -29.64 -12.01
N SER F 82 9.59 -29.38 -13.28
CA SER F 82 10.71 -28.52 -13.67
C SER F 82 10.26 -27.13 -14.12
N LEU F 83 11.20 -26.19 -14.17
CA LEU F 83 10.89 -24.83 -14.59
C LEU F 83 10.40 -24.77 -16.02
N ASP F 84 10.91 -25.68 -16.84
CA ASP F 84 10.50 -25.73 -18.24
C ASP F 84 9.04 -26.16 -18.32
N ASP F 85 8.65 -27.12 -17.47
CA ASP F 85 7.27 -27.61 -17.43
C ASP F 85 6.33 -26.44 -17.14
N VAL F 86 6.64 -25.70 -16.09
CA VAL F 86 5.87 -24.53 -15.67
C VAL F 86 5.94 -23.39 -16.69
N TYR F 87 7.14 -23.03 -17.14
CA TYR F 87 7.29 -21.96 -18.13
C TYR F 87 6.54 -22.24 -19.43
N ALA F 88 6.47 -23.51 -19.83
CA ALA F 88 5.76 -23.90 -21.04
C ALA F 88 4.29 -23.46 -20.94
N HIS F 89 3.76 -23.50 -19.72
CA HIS F 89 2.37 -23.10 -19.45
C HIS F 89 2.18 -21.60 -19.29
N LEU F 90 3.20 -20.91 -18.79
CA LEU F 90 3.14 -19.47 -18.59
C LEU F 90 2.90 -18.68 -19.88
N LEU F 91 2.76 -19.42 -20.98
CA LEU F 91 2.52 -18.84 -22.31
C LEU F 91 1.08 -19.18 -22.74
N LYS G 4 -25.86 -30.34 21.23
CA LYS G 4 -25.76 -30.81 19.81
C LYS G 4 -25.94 -29.65 18.82
N THR G 5 -26.43 -28.52 19.31
CA THR G 5 -26.66 -27.33 18.49
C THR G 5 -25.38 -26.51 18.33
N PHE G 6 -25.28 -25.78 17.21
CA PHE G 6 -24.13 -24.91 16.92
C PHE G 6 -23.97 -23.94 18.09
N GLU G 7 -25.09 -23.39 18.55
CA GLU G 7 -25.13 -22.44 19.65
C GLU G 7 -24.66 -22.99 20.99
N GLU G 8 -24.92 -24.28 21.22
CA GLU G 8 -24.52 -24.92 22.47
C GLU G 8 -23.03 -25.18 22.53
N LEU G 9 -22.48 -25.70 21.44
CA LEU G 9 -21.05 -25.99 21.34
C LEU G 9 -20.21 -24.72 21.41
N PHE G 10 -20.77 -23.62 20.91
CA PHE G 10 -20.07 -22.33 20.92
C PHE G 10 -19.93 -21.79 22.34
N THR G 11 -20.98 -21.91 23.13
CA THR G 11 -20.96 -21.44 24.51
C THR G 11 -19.98 -22.27 25.35
N GLU G 12 -19.81 -23.54 24.96
CA GLU G 12 -18.88 -24.45 25.63
C GLU G 12 -17.46 -23.93 25.41
N LEU G 13 -17.18 -23.47 24.18
CA LEU G 13 -15.86 -22.94 23.82
C LEU G 13 -15.53 -21.61 24.50
N GLN G 14 -16.55 -20.77 24.69
CA GLN G 14 -16.35 -19.47 25.34
C GLN G 14 -15.88 -19.67 26.78
N HIS G 15 -16.37 -20.72 27.43
CA HIS G 15 -15.99 -21.03 28.79
C HIS G 15 -14.57 -21.61 28.88
N LYS G 16 -14.22 -22.49 27.96
CA LYS G 16 -12.89 -23.09 27.94
C LYS G 16 -11.81 -22.05 27.63
N ALA G 17 -12.26 -20.89 27.13
CA ALA G 17 -11.36 -19.80 26.78
C ALA G 17 -11.17 -18.81 27.93
N ALA G 18 -11.89 -19.01 29.02
CA ALA G 18 -11.79 -18.14 30.20
C ALA G 18 -10.43 -18.29 30.90
N ASN G 19 -9.71 -19.36 30.56
CA ASN G 19 -8.38 -19.63 31.13
C ASN G 19 -7.38 -19.91 30.01
N THR G 24 -5.23 -23.73 30.46
CA THR G 24 -4.87 -23.66 29.04
C THR G 24 -4.55 -25.06 28.51
N SER G 25 -3.47 -25.62 29.03
CA SER G 25 -2.98 -26.93 28.60
C SER G 25 -3.89 -28.18 28.52
N ARG G 26 -5.20 -28.03 28.38
CA ARG G 26 -6.05 -29.22 28.21
C ARG G 26 -6.49 -29.26 26.76
N THR G 27 -7.61 -28.59 26.44
CA THR G 27 -8.16 -28.55 25.08
C THR G 27 -7.60 -27.36 24.29
N ALA G 28 -7.44 -27.55 22.97
CA ALA G 28 -6.92 -26.53 22.04
C ALA G 28 -7.09 -25.07 22.46
N GLU G 29 -6.00 -24.48 22.93
CA GLU G 29 -5.97 -23.09 23.35
C GLU G 29 -5.23 -22.20 22.37
N LEU G 30 -5.85 -22.01 21.22
CA LEU G 30 -5.33 -21.20 20.14
C LEU G 30 -5.59 -19.73 20.45
N VAL G 31 -6.58 -19.47 21.29
CA VAL G 31 -6.93 -18.10 21.66
C VAL G 31 -5.73 -17.40 22.29
N ASP G 32 -4.86 -18.18 22.93
CA ASP G 32 -3.65 -17.66 23.58
C ASP G 32 -2.64 -17.29 22.51
N LYS G 33 -2.49 -18.18 21.52
CA LYS G 33 -1.55 -17.95 20.41
C LYS G 33 -1.98 -16.75 19.58
N GLY G 34 -3.27 -16.54 19.46
CA GLY G 34 -3.75 -15.38 18.73
C GLY G 34 -4.35 -15.60 17.35
N VAL G 35 -4.83 -14.49 16.78
CA VAL G 35 -5.46 -14.45 15.47
C VAL G 35 -4.60 -15.09 14.36
N HIS G 36 -3.33 -14.73 14.31
CA HIS G 36 -2.45 -15.29 13.28
C HIS G 36 -2.48 -16.82 13.24
N ALA G 37 -2.34 -17.47 14.39
CA ALA G 37 -2.35 -18.95 14.46
C ALA G 37 -3.70 -19.55 14.07
N ILE G 38 -4.77 -18.88 14.49
CA ILE G 38 -6.11 -19.34 14.18
C ILE G 38 -6.39 -19.11 12.72
N GLY G 39 -5.89 -18.01 12.16
CA GLY G 39 -6.08 -17.70 10.75
C GLY G 39 -5.46 -18.73 9.83
N LYS G 40 -4.25 -19.20 10.18
CA LYS G 40 -3.57 -20.22 9.39
C LYS G 40 -4.48 -21.44 9.28
N LYS G 41 -5.06 -21.83 10.43
CA LYS G 41 -5.94 -22.99 10.47
C LYS G 41 -7.21 -22.81 9.65
N VAL G 42 -7.82 -21.63 9.72
CA VAL G 42 -9.03 -21.36 8.97
C VAL G 42 -8.76 -21.48 7.45
N VAL G 43 -7.66 -20.89 7.04
CA VAL G 43 -7.23 -20.87 5.66
C VAL G 43 -6.82 -22.26 5.16
N GLU G 44 -6.16 -23.05 6.02
CA GLU G 44 -5.79 -24.38 5.57
C GLU G 44 -7.01 -25.29 5.53
N GLU G 45 -7.92 -25.14 6.48
CA GLU G 45 -9.13 -25.97 6.50
C GLU G 45 -10.08 -25.68 5.36
N ALA G 46 -10.16 -24.41 4.94
CA ALA G 46 -11.01 -24.03 3.81
C ALA G 46 -10.55 -24.77 2.55
N ALA G 47 -9.23 -24.84 2.35
CA ALA G 47 -8.67 -25.56 1.22
C ALA G 47 -8.92 -27.07 1.35
N GLU G 48 -8.89 -27.59 2.58
CA GLU G 48 -9.15 -29.02 2.82
C GLU G 48 -10.61 -29.32 2.55
N VAL G 49 -11.50 -28.39 2.92
CA VAL G 49 -12.93 -28.52 2.67
C VAL G 49 -13.16 -28.60 1.16
N TRP G 50 -12.57 -27.67 0.41
CA TRP G 50 -12.72 -27.66 -1.03
C TRP G 50 -12.18 -28.98 -1.58
N ALA G 52 -11.69 -32.04 -0.15
CA ALA G 52 -12.54 -33.18 0.18
C ALA G 52 -13.86 -33.12 -0.58
N ALA G 53 -14.42 -31.92 -0.73
CA ALA G 53 -15.69 -31.77 -1.45
C ALA G 53 -15.58 -32.25 -2.91
N GLU G 54 -14.41 -32.06 -3.49
CA GLU G 54 -14.12 -32.41 -4.86
C GLU G 54 -13.71 -33.87 -5.10
N TYR G 55 -12.78 -34.36 -4.28
CA TYR G 55 -12.24 -35.71 -4.40
C TYR G 55 -12.66 -36.82 -3.42
N GLU G 56 -13.16 -36.44 -2.25
CA GLU G 56 -13.54 -37.45 -1.26
C GLU G 56 -15.03 -37.71 -1.10
N GLY G 57 -15.37 -38.64 -0.22
CA GLY G 57 -16.75 -38.99 0.04
C GLY G 57 -17.43 -37.96 0.92
N LYS G 58 -18.74 -38.11 1.10
CA LYS G 58 -19.51 -37.17 1.90
C LYS G 58 -19.03 -37.07 3.35
N ASP G 59 -18.69 -38.22 3.95
CA ASP G 59 -18.24 -38.23 5.34
C ASP G 59 -16.92 -37.49 5.50
N ALA G 60 -15.98 -37.73 4.59
CA ALA G 60 -14.69 -37.04 4.65
C ALA G 60 -14.85 -35.51 4.50
N ALA G 61 -15.82 -35.10 3.70
CA ALA G 61 -16.08 -33.68 3.50
C ALA G 61 -16.71 -33.09 4.76
N ALA G 62 -17.55 -33.89 5.43
CA ALA G 62 -18.24 -33.48 6.66
C ALA G 62 -17.22 -33.31 7.77
N GLU G 63 -16.25 -34.22 7.85
CA GLU G 63 -15.21 -34.13 8.85
C GLU G 63 -14.39 -32.87 8.67
N GLU G 64 -13.98 -32.58 7.43
CA GLU G 64 -13.21 -31.37 7.16
C GLU G 64 -14.03 -30.12 7.44
N ILE G 65 -15.32 -30.16 7.12
CA ILE G 65 -16.18 -29.02 7.36
C ILE G 65 -16.27 -28.72 8.87
N SER G 66 -16.36 -29.78 9.67
CA SER G 66 -16.48 -29.64 11.12
C SER G 66 -15.22 -28.99 11.65
N GLN G 67 -14.07 -29.38 11.10
CA GLN G 67 -12.81 -28.78 11.51
C GLN G 67 -12.81 -27.27 11.17
N LEU G 68 -13.32 -26.93 9.99
CA LEU G 68 -13.39 -25.52 9.59
C LEU G 68 -14.29 -24.69 10.52
N LEU G 69 -15.48 -25.21 10.82
CA LEU G 69 -16.43 -24.54 11.69
C LEU G 69 -15.85 -24.37 13.08
N TYR G 70 -15.14 -25.39 13.58
CA TYR G 70 -14.54 -25.31 14.89
C TYR G 70 -13.57 -24.13 14.97
N HIS G 71 -12.67 -24.04 13.98
CA HIS G 71 -11.70 -22.95 13.96
C HIS G 71 -12.37 -21.59 13.73
N VAL G 72 -13.46 -21.55 12.97
CA VAL G 72 -14.14 -20.27 12.77
C VAL G 72 -14.71 -19.82 14.12
N GLN G 73 -15.27 -20.78 14.87
CA GLN G 73 -15.82 -20.52 16.20
C GLN G 73 -14.74 -20.03 17.16
N VAL G 74 -13.56 -20.66 17.10
CA VAL G 74 -12.44 -20.26 17.92
C VAL G 74 -12.06 -18.82 17.59
N VAL G 77 -14.35 -16.53 19.21
CA VAL G 77 -14.04 -16.43 20.63
C VAL G 77 -12.86 -15.49 20.84
N ALA G 78 -11.82 -15.65 20.02
CA ALA G 78 -10.62 -14.84 20.15
C ALA G 78 -10.83 -13.35 19.90
N ARG G 79 -11.83 -13.03 19.10
CA ARG G 79 -12.14 -11.62 18.77
C ARG G 79 -13.35 -11.06 19.52
N GLY G 80 -13.93 -11.87 20.40
CA GLY G 80 -15.08 -11.44 21.17
C GLY G 80 -16.35 -11.28 20.36
N ILE G 81 -16.45 -12.03 19.27
CA ILE G 81 -17.62 -11.99 18.39
C ILE G 81 -18.64 -13.00 18.90
N SER G 82 -19.90 -12.61 18.90
CA SER G 82 -20.97 -13.49 19.36
C SER G 82 -21.81 -14.05 18.22
N LEU G 83 -22.57 -15.11 18.53
CA LEU G 83 -23.41 -15.76 17.54
C LEU G 83 -24.47 -14.81 17.00
N ASP G 84 -24.93 -13.90 17.86
CA ASP G 84 -25.93 -12.92 17.48
C ASP G 84 -25.35 -11.93 16.47
N ASP G 85 -24.10 -11.55 16.68
CA ASP G 85 -23.40 -10.63 15.78
C ASP G 85 -23.36 -11.24 14.39
N VAL G 86 -22.93 -12.51 14.31
CA VAL G 86 -22.83 -13.25 13.06
C VAL G 86 -24.20 -13.53 12.45
N TYR G 87 -25.13 -14.03 13.27
CA TYR G 87 -26.49 -14.35 12.80
C TYR G 87 -27.23 -13.15 12.24
N ALA G 88 -26.95 -11.98 12.79
CA ALA G 88 -27.56 -10.73 12.34
C ALA G 88 -27.21 -10.49 10.88
N HIS G 89 -26.00 -10.90 10.50
CA HIS G 89 -25.50 -10.74 9.13
C HIS G 89 -25.94 -11.87 8.18
N LEU G 90 -26.18 -13.06 8.73
CA LEU G 90 -26.62 -14.20 7.91
C LEU G 90 -27.96 -13.97 7.21
N LEU G 91 -28.53 -12.78 7.43
CA LEU G 91 -29.80 -12.38 6.83
C LEU G 91 -29.57 -11.31 5.75
N LYS H 4 -33.46 -18.14 13.75
CA LYS H 4 -32.21 -17.44 14.19
C LYS H 4 -31.08 -18.43 14.50
N THR H 5 -31.42 -19.72 14.59
CA THR H 5 -30.45 -20.78 14.87
C THR H 5 -29.75 -21.24 13.59
N PHE H 6 -28.51 -21.72 13.74
CA PHE H 6 -27.71 -22.23 12.63
C PHE H 6 -28.52 -23.33 11.93
N GLU H 7 -29.16 -24.18 12.74
CA GLU H 7 -29.96 -25.29 12.24
C GLU H 7 -31.21 -24.88 11.45
N GLU H 8 -31.79 -23.73 11.80
CA GLU H 8 -32.98 -23.22 11.14
C GLU H 8 -32.65 -22.64 9.76
N LEU H 9 -31.60 -21.83 9.72
CA LEU H 9 -31.14 -21.20 8.50
C LEU H 9 -30.67 -22.24 7.48
N PHE H 10 -30.13 -23.35 7.97
CA PHE H 10 -29.64 -24.43 7.10
C PHE H 10 -30.78 -25.15 6.39
N THR H 11 -31.87 -25.39 7.11
CA THR H 11 -33.03 -26.07 6.54
C THR H 11 -33.71 -25.17 5.49
N GLU H 12 -33.56 -23.85 5.68
CA GLU H 12 -34.12 -22.86 4.76
C GLU H 12 -33.38 -22.98 3.43
N LEU H 13 -32.05 -23.13 3.51
CA LEU H 13 -31.21 -23.27 2.33
C LEU H 13 -31.43 -24.57 1.58
N GLN H 14 -31.71 -25.65 2.30
CA GLN H 14 -31.97 -26.95 1.68
C GLN H 14 -33.20 -26.90 0.78
N HIS H 15 -34.19 -26.10 1.19
CA HIS H 15 -35.43 -25.94 0.43
C HIS H 15 -35.21 -25.09 -0.82
N LYS H 16 -34.44 -24.00 -0.67
CA LYS H 16 -34.16 -23.12 -1.80
C LYS H 16 -33.31 -23.80 -2.87
N ALA H 17 -32.70 -24.92 -2.49
CA ALA H 17 -31.87 -25.70 -3.41
C ALA H 17 -32.66 -26.80 -4.13
N ALA H 18 -33.94 -26.95 -3.78
CA ALA H 18 -34.81 -27.95 -4.41
C ALA H 18 -35.08 -27.60 -5.87
N ASN H 19 -34.80 -26.35 -6.25
CA ASN H 19 -35.00 -25.86 -7.61
C ASN H 19 -33.72 -25.21 -8.14
N THR H 24 -34.40 -21.11 -9.61
CA THR H 24 -32.97 -20.86 -9.49
C THR H 24 -32.71 -19.36 -9.37
N SER H 25 -32.99 -18.64 -10.44
CA SER H 25 -32.75 -17.21 -10.52
C SER H 25 -33.23 -16.20 -9.44
N ARG H 26 -33.45 -16.64 -8.20
CA ARG H 26 -33.83 -15.68 -7.15
C ARG H 26 -32.60 -15.50 -6.26
N THR H 27 -32.49 -16.35 -5.22
CA THR H 27 -31.39 -16.31 -4.26
C THR H 27 -30.20 -17.18 -4.72
N ALA H 28 -28.98 -16.75 -4.37
CA ALA H 28 -27.73 -17.46 -4.73
C ALA H 28 -27.83 -18.97 -4.96
N GLU H 29 -27.81 -19.34 -6.23
CA GLU H 29 -27.87 -20.74 -6.64
C GLU H 29 -26.53 -21.25 -7.14
N LEU H 30 -25.60 -21.38 -6.20
CA LEU H 30 -24.26 -21.86 -6.47
C LEU H 30 -24.29 -23.37 -6.60
N VAL H 31 -25.30 -24.01 -5.99
CA VAL H 31 -25.47 -25.46 -6.04
C VAL H 31 -25.53 -25.96 -7.50
N ASP H 32 -26.07 -25.12 -8.38
CA ASP H 32 -26.16 -25.46 -9.79
C ASP H 32 -24.76 -25.39 -10.42
N LYS H 33 -24.01 -24.33 -10.10
CA LYS H 33 -22.65 -24.18 -10.63
C LYS H 33 -21.73 -25.29 -10.14
N GLY H 34 -22.04 -25.84 -8.96
CA GLY H 34 -21.25 -26.92 -8.42
C GLY H 34 -20.21 -26.60 -7.36
N VAL H 35 -19.52 -27.65 -6.93
CA VAL H 35 -18.47 -27.63 -5.91
C VAL H 35 -17.32 -26.67 -6.21
N HIS H 36 -16.83 -26.68 -7.44
CA HIS H 36 -15.72 -25.79 -7.80
C HIS H 36 -16.03 -24.31 -7.52
N ALA H 37 -17.21 -23.86 -7.91
CA ALA H 37 -17.60 -22.46 -7.71
C ALA H 37 -17.80 -22.13 -6.23
N ILE H 38 -18.34 -23.09 -5.48
CA ILE H 38 -18.56 -22.89 -4.06
C ILE H 38 -17.21 -22.92 -3.32
N GLY H 39 -16.32 -23.81 -3.76
CA GLY H 39 -15.00 -23.92 -3.19
C GLY H 39 -14.17 -22.64 -3.33
N LYS H 40 -14.32 -21.95 -4.45
CA LYS H 40 -13.61 -20.69 -4.65
C LYS H 40 -14.03 -19.71 -3.56
N LYS H 41 -15.33 -19.62 -3.31
CA LYS H 41 -15.86 -18.70 -2.30
C LYS H 41 -15.44 -19.10 -0.91
N VAL H 42 -15.45 -20.39 -0.60
CA VAL H 42 -15.04 -20.81 0.75
C VAL H 42 -13.60 -20.41 1.01
N VAL H 43 -12.76 -20.62 0.03
CA VAL H 43 -11.34 -20.33 0.12
C VAL H 43 -11.04 -18.83 0.15
N GLU H 44 -11.81 -18.02 -0.59
CA GLU H 44 -11.60 -16.58 -0.57
C GLU H 44 -12.14 -15.98 0.73
N GLU H 45 -13.28 -16.49 1.22
CA GLU H 45 -13.87 -16.00 2.45
C GLU H 45 -13.01 -16.33 3.67
N ALA H 46 -12.37 -17.49 3.67
CA ALA H 46 -11.47 -17.90 4.75
C ALA H 46 -10.36 -16.85 4.88
N ALA H 47 -9.80 -16.40 3.74
CA ALA H 47 -8.74 -15.40 3.74
C ALA H 47 -9.27 -14.05 4.19
N GLU H 48 -10.50 -13.73 3.82
CA GLU H 48 -11.13 -12.46 4.24
C GLU H 48 -11.37 -12.53 5.76
N VAL H 49 -11.82 -13.68 6.25
CA VAL H 49 -12.01 -13.82 7.67
C VAL H 49 -10.69 -13.53 8.40
N TRP H 50 -9.61 -14.15 7.93
CA TRP H 50 -8.31 -13.96 8.56
C TRP H 50 -7.91 -12.51 8.51
N ALA H 52 -9.81 -9.69 8.11
CA ALA H 52 -10.66 -8.85 8.98
C ALA H 52 -10.32 -9.08 10.46
N ALA H 53 -10.12 -10.35 10.81
CA ALA H 53 -9.75 -10.74 12.16
C ALA H 53 -8.50 -10.04 12.63
N GLU H 54 -7.55 -9.83 11.71
CA GLU H 54 -6.29 -9.20 12.03
C GLU H 54 -6.29 -7.67 11.95
N TYR H 55 -6.91 -7.12 10.91
CA TYR H 55 -6.89 -5.66 10.71
C TYR H 55 -8.15 -4.84 10.98
N GLU H 56 -9.32 -5.49 10.96
CA GLU H 56 -10.57 -4.78 11.14
C GLU H 56 -11.20 -4.93 12.51
N GLY H 57 -12.33 -4.27 12.68
CA GLY H 57 -13.07 -4.31 13.93
C GLY H 57 -13.88 -5.58 14.07
N LYS H 58 -14.44 -5.81 15.25
CA LYS H 58 -15.23 -7.01 15.52
C LYS H 58 -16.43 -7.20 14.60
N ASP H 59 -17.12 -6.11 14.27
CA ASP H 59 -18.28 -6.21 13.40
C ASP H 59 -17.90 -6.66 12.01
N ALA H 60 -16.83 -6.06 11.46
CA ALA H 60 -16.32 -6.41 10.13
C ALA H 60 -15.91 -7.88 10.07
N ALA H 61 -15.32 -8.38 11.15
CA ALA H 61 -14.89 -9.76 11.24
C ALA H 61 -16.10 -10.69 11.33
N ALA H 62 -17.16 -10.23 11.98
CA ALA H 62 -18.39 -11.01 12.14
C ALA H 62 -19.07 -11.12 10.77
N GLU H 63 -19.13 -10.01 10.05
CA GLU H 63 -19.74 -10.01 8.72
C GLU H 63 -19.01 -11.01 7.79
N GLU H 64 -17.67 -11.02 7.83
CA GLU H 64 -16.88 -11.95 7.00
C GLU H 64 -17.07 -13.40 7.42
N ILE H 65 -17.20 -13.61 8.72
CA ILE H 65 -17.43 -14.94 9.26
C ILE H 65 -18.80 -15.46 8.81
N SER H 66 -19.80 -14.58 8.78
CA SER H 66 -21.15 -14.99 8.34
C SER H 66 -21.14 -15.42 6.86
N GLN H 67 -20.36 -14.72 6.05
CA GLN H 67 -20.24 -15.06 4.64
C GLN H 67 -19.58 -16.44 4.49
N LEU H 68 -18.57 -16.70 5.31
CA LEU H 68 -17.88 -17.97 5.27
C LEU H 68 -18.84 -19.09 5.66
N LEU H 69 -19.55 -18.91 6.76
CA LEU H 69 -20.50 -19.89 7.23
C LEU H 69 -21.57 -20.19 6.18
N TYR H 70 -22.14 -19.13 5.60
CA TYR H 70 -23.13 -19.30 4.54
C TYR H 70 -22.60 -20.18 3.40
N HIS H 71 -21.39 -19.91 2.93
CA HIS H 71 -20.80 -20.71 1.85
C HIS H 71 -20.46 -22.13 2.28
N VAL H 72 -20.10 -22.31 3.56
CA VAL H 72 -19.79 -23.65 4.07
C VAL H 72 -21.09 -24.42 4.08
N GLN H 73 -22.18 -23.75 4.46
CA GLN H 73 -23.51 -24.36 4.46
C GLN H 73 -23.95 -24.73 3.03
N VAL H 74 -23.73 -23.83 2.08
CA VAL H 74 -24.08 -24.09 0.69
C VAL H 74 -23.31 -25.31 0.22
N VAL H 77 -25.02 -28.34 1.38
CA VAL H 77 -26.22 -28.60 0.59
C VAL H 77 -25.84 -29.24 -0.74
N ALA H 78 -24.80 -28.72 -1.38
CA ALA H 78 -24.34 -29.21 -2.67
C ALA H 78 -23.84 -30.64 -2.63
N ARG H 79 -23.31 -31.05 -1.49
CA ARG H 79 -22.79 -32.41 -1.32
C ARG H 79 -23.70 -33.38 -0.58
N GLY H 80 -24.87 -32.91 -0.20
CA GLY H 80 -25.83 -33.75 0.52
C GLY H 80 -25.45 -34.05 1.95
N ILE H 81 -24.61 -33.18 2.53
CA ILE H 81 -24.16 -33.34 3.91
C ILE H 81 -25.15 -32.66 4.86
N SER H 82 -25.47 -33.34 5.96
CA SER H 82 -26.42 -32.81 6.94
C SER H 82 -25.73 -32.29 8.19
N LEU H 83 -26.46 -31.50 8.97
CA LEU H 83 -25.95 -30.94 10.22
C LEU H 83 -25.55 -32.03 11.20
N ASP H 84 -26.28 -33.13 11.19
CA ASP H 84 -26.01 -34.26 12.06
C ASP H 84 -24.67 -34.90 11.68
N ASP H 85 -24.40 -35.01 10.39
CA ASP H 85 -23.15 -35.58 9.91
C ASP H 85 -21.97 -34.75 10.43
N VAL H 86 -22.08 -33.44 10.32
CA VAL H 86 -21.05 -32.51 10.76
C VAL H 86 -20.94 -32.47 12.28
N TYR H 87 -22.09 -32.30 12.95
CA TYR H 87 -22.13 -32.25 14.41
C TYR H 87 -21.54 -33.50 15.07
N ALA H 88 -21.72 -34.65 14.41
CA ALA H 88 -21.18 -35.92 14.91
C ALA H 88 -19.66 -35.84 15.03
N HIS H 89 -19.04 -35.11 14.12
CA HIS H 89 -17.58 -34.93 14.11
C HIS H 89 -17.10 -33.79 15.01
N LEU H 90 -17.95 -32.81 15.27
CA LEU H 90 -17.59 -31.67 16.13
C LEU H 90 -17.29 -32.10 17.56
N LEU H 91 -17.41 -33.40 17.82
CA LEU H 91 -17.15 -33.98 19.12
C LEU H 91 -15.84 -34.78 19.06
#